data_2RF8
#
_entry.id   2RF8
#
_cell.length_a   64.640
_cell.length_b   64.640
_cell.length_c   338.833
_cell.angle_alpha   90.000
_cell.angle_beta   90.000
_cell.angle_gamma   90.000
#
_symmetry.space_group_name_H-M   'P 41 2 2'
#
loop_
_entity.id
_entity.type
_entity.pdbx_description
1 polymer 'Choloylglycine hydrolase'
2 non-polymer GLYCEROL
3 water water
#
_entity_poly.entity_id   1
_entity_poly.type   'polypeptide(L)'
_entity_poly.pdbx_seq_one_letter_code
;MATGLALETKDGLHLFGRNMDIEYSFNQSIIFIPRNFKCVNKSNKKELTTKYAVLGMGTIFDDYPTFADGMNEKGLGCAG
LNFPVYVSYSKEDIEGKTNIPVYNFLLWVLANFSSVEEVKEALKNANIVDIPISENIPNTTLHWMISDITGKSIVVEQTK
EKLNVFDNNIGVLTNSPTFDWHVANLNQYVGLRYNQVPEFKLGDQSLTALGQGTGLVGLPGDFTPASRFIRVAFLRDAMI
KNDKDSIDLIEFFHILNNVAMVRGSTRTVEEKSDLTQYTSCMCLEKGIYYYNTYENNQINAIDMNKENLDGNEIKTYKYN
KTLSINHVN
;
_entity_poly.pdbx_strand_id   A,B
#
loop_
_chem_comp.id
_chem_comp.type
_chem_comp.name
_chem_comp.formula
GOL non-polymer GLYCEROL 'C3 H8 O3'
#
# COMPACT_ATOMS: atom_id res chain seq x y z
N ALA A 2 4.95 -6.29 -12.24
CA ALA A 2 3.65 -7.01 -12.22
C ALA A 2 3.64 -8.11 -11.17
N THR A 3 2.61 -8.12 -10.33
CA THR A 3 2.45 -9.14 -9.28
C THR A 3 1.07 -9.79 -9.40
N GLY A 4 1.03 -11.12 -9.31
CA GLY A 4 -0.22 -11.87 -9.34
C GLY A 4 -0.49 -12.54 -8.00
N LEU A 5 -1.76 -12.55 -7.58
CA LEU A 5 -2.15 -13.07 -6.27
C LEU A 5 -3.43 -13.88 -6.30
N ALA A 6 -3.43 -14.99 -5.56
CA ALA A 6 -4.61 -15.83 -5.37
C ALA A 6 -4.87 -16.01 -3.86
N LEU A 7 -6.14 -15.92 -3.48
CA LEU A 7 -6.51 -15.90 -2.07
C LEU A 7 -7.88 -16.54 -1.82
N GLU A 8 -8.09 -17.05 -0.61
CA GLU A 8 -9.36 -17.63 -0.21
C GLU A 8 -9.93 -16.90 1.01
N THR A 9 -11.15 -16.39 0.86
CA THR A 9 -11.81 -15.60 1.90
C THR A 9 -12.18 -16.43 3.12
N LYS A 10 -12.70 -15.77 4.15
CA LYS A 10 -13.14 -16.46 5.37
C LYS A 10 -14.38 -17.32 5.13
N ASP A 11 -15.11 -17.03 4.06
CA ASP A 11 -16.35 -17.74 3.75
C ASP A 11 -16.32 -18.50 2.42
N GLY A 12 -15.18 -19.14 2.14
CA GLY A 12 -15.07 -20.07 1.02
C GLY A 12 -14.77 -19.50 -0.36
N LEU A 13 -15.04 -18.21 -0.56
CA LEU A 13 -14.88 -17.58 -1.88
C LEU A 13 -13.40 -17.43 -2.27
N HIS A 14 -13.16 -17.35 -3.58
CA HIS A 14 -11.79 -17.27 -4.09
C HIS A 14 -11.51 -15.94 -4.81
N LEU A 15 -10.45 -15.26 -4.38
CA LEU A 15 -10.04 -13.99 -4.98
C LEU A 15 -8.76 -14.16 -5.79
N PHE A 16 -8.80 -13.70 -7.04
CA PHE A 16 -7.66 -13.77 -7.94
C PHE A 16 -7.53 -12.47 -8.72
N GLY A 17 -6.34 -11.88 -8.69
CA GLY A 17 -6.10 -10.59 -9.34
C GLY A 17 -4.63 -10.28 -9.56
N ARG A 18 -4.31 -9.00 -9.72
CA ARG A 18 -2.96 -8.59 -10.09
C ARG A 18 -2.63 -7.12 -9.85
N ASN A 19 -1.33 -6.82 -9.81
CA ASN A 19 -0.80 -5.47 -9.90
C ASN A 19 -0.25 -5.26 -11.31
N MET A 20 -0.69 -4.20 -11.98
CA MET A 20 -0.10 -3.86 -13.28
C MET A 20 0.94 -2.76 -13.08
N ASP A 21 2.20 -3.12 -13.32
CA ASP A 21 3.31 -2.20 -13.10
C ASP A 21 3.95 -1.77 -14.43
N ILE A 22 3.57 -0.58 -14.91
CA ILE A 22 4.06 -0.04 -16.17
C ILE A 22 4.27 1.47 -16.10
N GLU A 23 5.12 2.00 -16.98
CA GLU A 23 5.46 3.42 -16.99
C GLU A 23 4.60 4.22 -17.97
N TYR A 24 3.58 3.57 -18.53
CA TYR A 24 2.77 4.13 -19.60
C TYR A 24 1.30 3.72 -19.47
N SER A 25 0.48 4.21 -20.39
CA SER A 25 -0.90 3.75 -20.55
C SER A 25 -0.98 2.87 -21.79
N PHE A 26 -1.87 1.88 -21.75
CA PHE A 26 -2.11 1.05 -22.94
C PHE A 26 -3.57 1.08 -23.40
N ASN A 27 -4.17 2.27 -23.30
CA ASN A 27 -5.56 2.51 -23.72
C ASN A 27 -6.53 1.48 -23.14
N GLN A 28 -6.29 1.12 -21.88
CA GLN A 28 -7.03 0.05 -21.23
C GLN A 28 -8.44 0.45 -20.81
N SER A 29 -9.34 -0.53 -20.86
CA SER A 29 -10.69 -0.40 -20.34
C SER A 29 -11.19 -1.78 -19.92
N ILE A 30 -12.20 -1.81 -19.05
CA ILE A 30 -12.84 -3.06 -18.67
C ILE A 30 -13.69 -3.52 -19.85
N ILE A 31 -13.52 -4.78 -20.25
CA ILE A 31 -14.22 -5.31 -21.43
C ILE A 31 -15.12 -6.49 -21.06
N PHE A 32 -16.38 -6.40 -21.46
CA PHE A 32 -17.34 -7.49 -21.29
C PHE A 32 -17.69 -8.14 -22.62
N ILE A 33 -17.63 -9.46 -22.65
CA ILE A 33 -18.02 -10.25 -23.82
C ILE A 33 -19.08 -11.27 -23.40
N PRO A 34 -20.25 -11.26 -24.06
CA PRO A 34 -21.29 -12.22 -23.75
C PRO A 34 -21.02 -13.61 -24.34
N ARG A 35 -21.87 -14.59 -23.99
CA ARG A 35 -21.78 -15.95 -24.53
C ARG A 35 -21.96 -15.96 -26.04
N ASN A 36 -21.32 -16.93 -26.70
CA ASN A 36 -21.42 -17.13 -28.15
C ASN A 36 -21.16 -15.87 -28.98
N PHE A 37 -19.97 -15.29 -28.81
CA PHE A 37 -19.61 -14.08 -29.52
C PHE A 37 -18.42 -14.33 -30.45
N LYS A 38 -18.65 -14.12 -31.73
CA LYS A 38 -17.64 -14.35 -32.77
C LYS A 38 -16.68 -13.17 -32.82
N CYS A 39 -15.38 -13.47 -32.81
CA CYS A 39 -14.33 -12.46 -32.92
C CYS A 39 -13.48 -12.73 -34.14
N VAL A 40 -13.39 -11.74 -35.04
CA VAL A 40 -12.60 -11.88 -36.25
C VAL A 40 -11.46 -10.86 -36.28
N ASN A 41 -10.23 -11.36 -36.32
CA ASN A 41 -9.06 -10.52 -36.48
C ASN A 41 -8.94 -10.10 -37.94
N LYS A 42 -8.94 -8.80 -38.20
CA LYS A 42 -8.90 -8.25 -39.56
C LYS A 42 -7.55 -8.52 -40.23
N SER A 43 -6.47 -8.43 -39.46
CA SER A 43 -5.11 -8.60 -39.96
C SER A 43 -4.84 -9.99 -40.53
N ASN A 44 -5.15 -11.03 -39.76
CA ASN A 44 -4.84 -12.42 -40.16
C ASN A 44 -6.04 -13.34 -40.34
N LYS A 45 -7.25 -12.76 -40.34
CA LYS A 45 -8.50 -13.47 -40.60
C LYS A 45 -8.82 -14.62 -39.64
N LYS A 46 -8.15 -14.65 -38.49
CA LYS A 46 -8.36 -15.71 -37.50
C LYS A 46 -9.65 -15.50 -36.71
N GLU A 47 -10.34 -16.60 -36.41
CA GLU A 47 -11.66 -16.56 -35.78
C GLU A 47 -11.72 -17.21 -34.39
N LEU A 48 -12.59 -16.67 -33.54
CA LEU A 48 -12.82 -17.19 -32.20
C LEU A 48 -14.23 -16.85 -31.73
N THR A 49 -15.01 -17.89 -31.43
CA THR A 49 -16.35 -17.71 -30.87
C THR A 49 -16.36 -18.20 -29.43
N THR A 50 -16.71 -17.29 -28.52
CA THR A 50 -16.71 -17.56 -27.08
C THR A 50 -17.75 -18.61 -26.70
N LYS A 51 -17.35 -19.58 -25.89
CA LYS A 51 -18.27 -20.56 -25.32
C LYS A 51 -18.82 -20.03 -24.01
N TYR A 52 -18.00 -19.25 -23.31
CA TYR A 52 -18.39 -18.62 -22.05
C TYR A 52 -18.23 -17.11 -22.10
N ALA A 53 -19.04 -16.41 -21.31
CA ALA A 53 -18.95 -14.95 -21.20
C ALA A 53 -17.67 -14.54 -20.49
N VAL A 54 -17.06 -13.46 -20.96
CA VAL A 54 -15.77 -12.99 -20.42
C VAL A 54 -15.90 -11.57 -19.85
N LEU A 55 -15.19 -11.33 -18.75
CA LEU A 55 -15.07 -9.99 -18.17
C LEU A 55 -13.66 -9.76 -17.65
N GLY A 56 -13.01 -8.68 -18.11
CA GLY A 56 -11.66 -8.34 -17.66
C GLY A 56 -11.11 -7.05 -18.23
N MET A 57 -9.86 -6.75 -17.87
CA MET A 57 -9.17 -5.55 -18.34
C MET A 57 -8.42 -5.83 -19.64
N GLY A 58 -8.48 -4.87 -20.57
CA GLY A 58 -7.77 -4.98 -21.84
C GLY A 58 -8.01 -3.79 -22.76
N THR A 59 -7.75 -4.01 -24.05
CA THR A 59 -7.94 -2.98 -25.08
C THR A 59 -8.48 -3.60 -26.37
N ILE A 60 -8.91 -2.77 -27.31
CA ILE A 60 -9.51 -3.25 -28.56
C ILE A 60 -8.82 -2.67 -29.81
N PHE A 61 -8.37 -3.57 -30.69
CA PHE A 61 -7.76 -3.21 -31.97
C PHE A 61 -8.61 -3.72 -33.12
N ASP A 62 -9.07 -2.81 -33.98
CA ASP A 62 -9.94 -3.15 -35.13
C ASP A 62 -11.05 -4.11 -34.72
N ASP A 63 -11.80 -3.72 -33.68
CA ASP A 63 -12.90 -4.51 -33.12
C ASP A 63 -12.49 -5.86 -32.50
N TYR A 64 -11.19 -6.08 -32.34
CA TYR A 64 -10.70 -7.31 -31.70
C TYR A 64 -10.20 -7.07 -30.27
N PRO A 65 -10.79 -7.79 -29.29
CA PRO A 65 -10.43 -7.63 -27.89
C PRO A 65 -9.22 -8.46 -27.46
N THR A 66 -8.27 -7.80 -26.79
CA THR A 66 -7.11 -8.46 -26.19
C THR A 66 -7.04 -8.09 -24.71
N PHE A 67 -6.73 -9.08 -23.87
CA PHE A 67 -6.82 -8.91 -22.42
C PHE A 67 -5.48 -8.93 -21.69
N ALA A 68 -5.40 -8.13 -20.64
CA ALA A 68 -4.25 -8.12 -19.73
C ALA A 68 -4.52 -9.06 -18.56
N ASP A 69 -5.78 -9.09 -18.12
CA ASP A 69 -6.28 -10.03 -17.12
C ASP A 69 -7.80 -10.03 -17.13
N GLY A 70 -8.41 -11.14 -16.74
CA GLY A 70 -9.86 -11.25 -16.72
C GLY A 70 -10.38 -12.59 -16.20
N MET A 71 -11.70 -12.73 -16.20
CA MET A 71 -12.35 -13.96 -15.75
C MET A 71 -13.54 -14.29 -16.64
N ASN A 72 -13.99 -15.55 -16.58
CA ASN A 72 -15.24 -15.95 -17.24
C ASN A 72 -16.38 -16.24 -16.26
N GLU A 73 -17.53 -16.64 -16.79
CA GLU A 73 -18.74 -16.87 -15.99
C GLU A 73 -18.66 -18.10 -15.10
N LYS A 74 -17.78 -19.04 -15.45
CA LYS A 74 -17.66 -20.30 -14.71
C LYS A 74 -16.70 -20.20 -13.52
N GLY A 75 -16.07 -19.03 -13.37
CA GLY A 75 -15.17 -18.79 -12.24
C GLY A 75 -13.70 -19.05 -12.53
N LEU A 76 -13.34 -19.11 -13.82
CA LEU A 76 -11.95 -19.26 -14.21
C LEU A 76 -11.33 -17.88 -14.44
N GLY A 77 -10.16 -17.66 -13.86
CA GLY A 77 -9.45 -16.40 -13.99
C GLY A 77 -8.07 -16.57 -14.59
N CYS A 78 -7.64 -15.58 -15.36
CA CYS A 78 -6.34 -15.61 -16.03
C CYS A 78 -5.72 -14.22 -16.04
N ALA A 79 -4.42 -14.16 -15.73
CA ALA A 79 -3.68 -12.90 -15.72
C ALA A 79 -2.38 -13.03 -16.51
N GLY A 80 -2.11 -12.04 -17.37
CA GLY A 80 -0.92 -12.03 -18.21
C GLY A 80 0.14 -11.06 -17.73
N LEU A 81 1.23 -11.60 -17.20
CA LEU A 81 2.30 -10.79 -16.62
C LEU A 81 3.55 -10.81 -17.48
N ASN A 82 4.37 -9.77 -17.37
CA ASN A 82 5.58 -9.62 -18.19
C ASN A 82 6.66 -10.68 -17.92
N PHE A 83 7.31 -11.14 -18.97
CA PHE A 83 8.29 -12.22 -18.89
C PHE A 83 9.50 -11.97 -19.81
N PRO A 84 10.32 -10.96 -19.49
CA PRO A 84 11.34 -10.33 -20.34
C PRO A 84 12.28 -11.21 -21.19
N VAL A 85 13.14 -12.01 -20.56
CA VAL A 85 14.23 -12.66 -21.30
C VAL A 85 14.12 -14.18 -21.49
N TYR A 86 13.50 -14.86 -20.54
CA TYR A 86 13.44 -16.34 -20.56
C TYR A 86 12.31 -16.90 -21.41
N VAL A 87 11.46 -16.03 -21.94
CA VAL A 87 10.34 -16.43 -22.79
C VAL A 87 10.86 -16.82 -24.19
N SER A 88 10.10 -17.68 -24.88
CA SER A 88 10.45 -18.11 -26.22
C SER A 88 9.22 -18.51 -27.03
N TYR A 89 8.89 -17.69 -28.02
CA TYR A 89 7.79 -17.99 -28.95
C TYR A 89 8.35 -18.47 -30.28
N SER A 90 7.62 -19.37 -30.93
CA SER A 90 7.94 -19.78 -32.30
C SER A 90 7.40 -18.73 -33.27
N LYS A 91 8.17 -18.39 -34.28
CA LYS A 91 7.78 -17.37 -35.27
C LYS A 91 6.65 -17.83 -36.19
N GLU A 92 6.56 -19.15 -36.40
CA GLU A 92 5.53 -19.76 -37.23
C GLU A 92 4.82 -20.90 -36.48
N ASP A 93 3.71 -21.36 -37.03
CA ASP A 93 2.95 -22.47 -36.44
C ASP A 93 3.76 -23.76 -36.40
N ILE A 94 3.45 -24.62 -35.43
CA ILE A 94 4.06 -25.95 -35.33
C ILE A 94 2.99 -27.01 -35.54
N GLU A 95 3.24 -27.90 -36.51
CA GLU A 95 2.28 -28.95 -36.88
C GLU A 95 1.97 -29.88 -35.70
N GLY A 96 0.70 -30.30 -35.62
CA GLY A 96 0.23 -31.18 -34.55
C GLY A 96 -0.28 -30.40 -33.36
N LYS A 97 0.52 -29.43 -32.91
CA LYS A 97 0.22 -28.61 -31.73
C LYS A 97 -0.93 -27.63 -31.98
N THR A 98 -1.69 -27.35 -30.91
CA THR A 98 -2.72 -26.33 -30.94
C THR A 98 -2.07 -24.95 -30.80
N ASN A 99 -1.79 -24.32 -31.94
CA ASN A 99 -1.05 -23.05 -31.97
C ASN A 99 -1.90 -21.85 -31.56
N ILE A 100 -1.39 -21.08 -30.59
CA ILE A 100 -2.12 -19.94 -30.03
C ILE A 100 -1.27 -18.66 -30.15
N PRO A 101 -1.82 -17.62 -30.82
CA PRO A 101 -1.14 -16.33 -30.91
C PRO A 101 -0.99 -15.66 -29.54
N VAL A 102 0.16 -15.04 -29.29
CA VAL A 102 0.50 -14.47 -27.99
C VAL A 102 -0.57 -13.52 -27.45
N TYR A 103 -1.00 -12.57 -28.28
CA TYR A 103 -2.01 -11.59 -27.90
C TYR A 103 -3.35 -12.22 -27.54
N ASN A 104 -3.58 -13.44 -28.02
CA ASN A 104 -4.88 -14.09 -27.91
C ASN A 104 -4.97 -15.20 -26.85
N PHE A 105 -3.84 -15.52 -26.23
CA PHE A 105 -3.77 -16.63 -25.27
C PHE A 105 -4.75 -16.48 -24.11
N LEU A 106 -4.81 -15.27 -23.54
CA LEU A 106 -5.64 -15.02 -22.37
C LEU A 106 -7.12 -15.26 -22.67
N LEU A 107 -7.59 -14.70 -23.78
CA LEU A 107 -8.97 -14.88 -24.25
C LEU A 107 -9.27 -16.35 -24.56
N TRP A 108 -8.30 -17.03 -25.18
CA TRP A 108 -8.43 -18.46 -25.52
C TRP A 108 -8.67 -19.34 -24.29
N VAL A 109 -8.00 -19.00 -23.18
CA VAL A 109 -8.18 -19.72 -21.92
C VAL A 109 -9.59 -19.47 -21.36
N LEU A 110 -9.98 -18.20 -21.34
CA LEU A 110 -11.24 -17.79 -20.71
C LEU A 110 -12.49 -18.12 -21.51
N ALA A 111 -12.38 -18.07 -22.84
CA ALA A 111 -13.53 -18.30 -23.71
C ALA A 111 -13.90 -19.78 -23.84
N ASN A 112 -12.89 -20.64 -23.79
CA ASN A 112 -13.08 -22.07 -24.11
C ASN A 112 -13.27 -23.02 -22.92
N PHE A 113 -12.73 -22.64 -21.75
CA PHE A 113 -12.65 -23.57 -20.63
C PHE A 113 -13.29 -23.05 -19.35
N SER A 114 -13.67 -23.97 -18.46
CA SER A 114 -14.40 -23.65 -17.25
C SER A 114 -13.56 -23.85 -15.99
N SER A 115 -12.60 -24.77 -16.04
CA SER A 115 -11.79 -25.12 -14.89
C SER A 115 -10.30 -25.15 -15.21
N VAL A 116 -9.47 -25.08 -14.16
CA VAL A 116 -8.02 -25.21 -14.30
C VAL A 116 -7.65 -26.54 -14.94
N GLU A 117 -8.33 -27.61 -14.52
CA GLU A 117 -8.09 -28.96 -15.06
C GLU A 117 -8.32 -29.03 -16.57
N GLU A 118 -9.41 -28.40 -17.03
CA GLU A 118 -9.77 -28.35 -18.44
C GLU A 118 -8.66 -27.67 -19.26
N VAL A 119 -8.08 -26.62 -18.69
CA VAL A 119 -6.96 -25.89 -19.32
C VAL A 119 -5.68 -26.73 -19.35
N LYS A 120 -5.39 -27.39 -18.23
CA LYS A 120 -4.23 -28.30 -18.13
C LYS A 120 -4.18 -29.31 -19.26
N GLU A 121 -5.32 -29.95 -19.53
CA GLU A 121 -5.42 -31.00 -20.55
C GLU A 121 -5.17 -30.48 -21.96
N ALA A 122 -5.80 -29.36 -22.29
CA ALA A 122 -5.65 -28.74 -23.61
C ALA A 122 -4.24 -28.21 -23.84
N LEU A 123 -3.56 -27.83 -22.77
CA LEU A 123 -2.22 -27.25 -22.85
C LEU A 123 -1.10 -28.28 -23.06
N LYS A 124 -1.42 -29.56 -22.99
CA LYS A 124 -0.44 -30.60 -23.25
C LYS A 124 0.01 -30.62 -24.69
N ASN A 125 -0.92 -30.37 -25.60
CA ASN A 125 -0.59 -30.27 -27.01
C ASN A 125 -0.70 -28.86 -27.54
N ALA A 126 -0.20 -27.89 -26.78
CA ALA A 126 -0.33 -26.47 -27.14
C ALA A 126 1.01 -25.79 -27.37
N ASN A 127 0.98 -24.70 -28.12
CA ASN A 127 2.17 -23.92 -28.45
C ASN A 127 1.83 -22.44 -28.65
N ILE A 128 2.68 -21.55 -28.14
CA ILE A 128 2.48 -20.12 -28.31
C ILE A 128 3.27 -19.60 -29.51
N VAL A 129 2.56 -19.08 -30.51
CA VAL A 129 3.18 -18.59 -31.74
C VAL A 129 3.24 -17.06 -31.78
N ASP A 130 4.39 -16.53 -32.16
CA ASP A 130 4.61 -15.08 -32.25
C ASP A 130 3.99 -14.48 -33.50
N ILE A 131 2.66 -14.37 -33.50
CA ILE A 131 1.93 -13.67 -34.56
C ILE A 131 1.23 -12.45 -33.94
N PRO A 132 1.55 -11.24 -34.44
CA PRO A 132 1.00 -10.01 -33.86
C PRO A 132 -0.49 -9.81 -34.16
N ILE A 133 -1.16 -9.07 -33.27
CA ILE A 133 -2.59 -8.75 -33.42
C ILE A 133 -2.83 -7.95 -34.70
N SER A 134 -1.96 -6.97 -34.95
CA SER A 134 -1.94 -6.21 -36.19
C SER A 134 -0.47 -6.06 -36.58
N GLU A 135 -0.21 -5.84 -37.86
CA GLU A 135 1.15 -5.93 -38.42
C GLU A 135 2.23 -5.14 -37.67
N ASN A 136 1.91 -3.91 -37.27
CA ASN A 136 2.87 -3.09 -36.53
C ASN A 136 2.59 -2.98 -35.03
N ILE A 137 1.89 -3.97 -34.48
CA ILE A 137 1.63 -4.05 -33.05
C ILE A 137 2.25 -5.36 -32.52
N PRO A 138 3.56 -5.32 -32.19
CA PRO A 138 4.27 -6.54 -31.79
C PRO A 138 3.81 -7.08 -30.44
N ASN A 139 3.91 -8.40 -30.29
CA ASN A 139 3.55 -9.07 -29.04
C ASN A 139 4.57 -8.78 -27.94
N THR A 140 4.10 -8.80 -26.70
CA THR A 140 4.98 -8.58 -25.56
C THR A 140 5.40 -9.90 -24.95
N THR A 141 6.51 -9.85 -24.20
CA THR A 141 7.02 -11.01 -23.49
C THR A 141 6.13 -11.31 -22.28
N LEU A 142 5.42 -12.43 -22.32
CA LEU A 142 4.40 -12.73 -21.33
C LEU A 142 4.44 -14.15 -20.75
N HIS A 143 3.96 -14.27 -19.52
CA HIS A 143 3.70 -15.55 -18.88
C HIS A 143 2.44 -15.42 -18.00
N TRP A 144 1.66 -16.48 -17.90
CA TRP A 144 0.31 -16.39 -17.35
C TRP A 144 0.09 -17.19 -16.06
N MET A 145 -0.70 -16.61 -15.16
CA MET A 145 -1.21 -17.33 -14.00
C MET A 145 -2.70 -17.58 -14.21
N ILE A 146 -3.11 -18.83 -13.96
CA ILE A 146 -4.50 -19.25 -14.15
C ILE A 146 -5.02 -19.91 -12.87
N SER A 147 -6.19 -19.49 -12.43
CA SER A 147 -6.79 -20.01 -11.20
C SER A 147 -8.31 -20.12 -11.33
N ASP A 148 -8.92 -21.05 -10.58
CA ASP A 148 -10.38 -21.23 -10.60
C ASP A 148 -10.99 -21.33 -9.20
N ILE A 149 -12.24 -21.79 -9.14
CA ILE A 149 -12.99 -21.85 -7.88
C ILE A 149 -12.66 -23.06 -7.00
N THR A 150 -11.73 -23.91 -7.44
CA THR A 150 -11.29 -25.04 -6.62
C THR A 150 -10.19 -24.61 -5.65
N GLY A 151 -9.61 -23.44 -5.90
CA GLY A 151 -8.53 -22.91 -5.07
C GLY A 151 -7.17 -23.19 -5.65
N LYS A 152 -7.13 -24.01 -6.70
CA LYS A 152 -5.89 -24.39 -7.36
C LYS A 152 -5.47 -23.41 -8.45
N SER A 153 -4.16 -23.22 -8.58
CA SER A 153 -3.59 -22.29 -9.56
C SER A 153 -2.43 -22.94 -10.30
N ILE A 154 -2.30 -22.61 -11.57
CA ILE A 154 -1.17 -23.06 -12.39
C ILE A 154 -0.41 -21.88 -13.01
N VAL A 155 0.79 -22.16 -13.53
CA VAL A 155 1.62 -21.13 -14.17
C VAL A 155 2.07 -21.60 -15.56
N VAL A 156 1.74 -20.81 -16.58
CA VAL A 156 2.09 -21.13 -17.95
C VAL A 156 3.32 -20.32 -18.38
N GLU A 157 4.40 -21.02 -18.69
CA GLU A 157 5.65 -20.40 -19.13
C GLU A 157 6.24 -21.19 -20.29
N GLN A 158 6.29 -20.59 -21.47
CA GLN A 158 6.93 -21.23 -22.61
C GLN A 158 8.38 -20.80 -22.75
N THR A 159 9.28 -21.76 -22.53
CA THR A 159 10.72 -21.55 -22.69
C THR A 159 11.17 -22.05 -24.06
N LYS A 160 12.49 -22.10 -24.26
CA LYS A 160 13.04 -22.56 -25.53
C LYS A 160 12.80 -24.06 -25.73
N GLU A 161 12.78 -24.79 -24.62
CA GLU A 161 12.56 -26.24 -24.63
C GLU A 161 11.14 -26.64 -25.01
N LYS A 162 10.17 -26.22 -24.19
CA LYS A 162 8.76 -26.57 -24.40
C LYS A 162 7.82 -25.62 -23.65
N LEU A 163 6.53 -25.95 -23.65
CA LEU A 163 5.52 -25.22 -22.89
C LEU A 163 5.35 -25.84 -21.51
N ASN A 164 5.71 -25.07 -20.48
CA ASN A 164 5.64 -25.55 -19.10
C ASN A 164 4.39 -25.13 -18.35
N VAL A 165 3.77 -26.10 -17.68
CA VAL A 165 2.62 -25.85 -16.81
C VAL A 165 2.97 -26.25 -15.38
N PHE A 166 3.35 -25.26 -14.57
CA PHE A 166 3.71 -25.49 -13.17
C PHE A 166 2.48 -25.41 -12.27
N ASP A 167 2.42 -26.27 -11.27
CA ASP A 167 1.43 -26.14 -10.20
C ASP A 167 1.88 -25.02 -9.27
N ASN A 168 1.05 -24.00 -9.11
CA ASN A 168 1.36 -22.89 -8.22
C ASN A 168 0.80 -23.12 -6.81
N ASN A 169 1.64 -23.69 -5.95
CA ASN A 169 1.27 -23.88 -4.54
C ASN A 169 1.77 -22.74 -3.66
N ILE A 170 2.27 -21.69 -4.30
CA ILE A 170 2.72 -20.48 -3.61
C ILE A 170 1.57 -19.46 -3.59
N GLY A 171 0.74 -19.50 -4.63
CA GLY A 171 -0.42 -18.63 -4.73
C GLY A 171 -0.11 -17.26 -5.32
N VAL A 172 1.13 -17.09 -5.80
CA VAL A 172 1.57 -15.81 -6.36
C VAL A 172 2.43 -15.98 -7.62
N LEU A 173 2.46 -14.94 -8.44
CA LEU A 173 3.34 -14.87 -9.60
C LEU A 173 3.85 -13.45 -9.81
N THR A 174 5.06 -13.33 -10.34
CA THR A 174 5.65 -12.03 -10.61
C THR A 174 6.18 -11.95 -12.05
N ASN A 175 7.49 -11.86 -12.21
CA ASN A 175 8.13 -11.77 -13.52
C ASN A 175 9.43 -12.57 -13.49
N SER A 176 10.27 -12.39 -14.51
CA SER A 176 11.51 -13.16 -14.67
C SER A 176 12.37 -13.14 -13.40
N PRO A 177 13.13 -14.23 -13.13
CA PRO A 177 13.29 -15.45 -13.92
C PRO A 177 12.10 -16.40 -13.89
N THR A 178 12.31 -17.64 -14.34
CA THR A 178 11.27 -18.66 -14.41
C THR A 178 10.68 -18.99 -13.04
N PHE A 179 9.51 -19.62 -13.04
CA PHE A 179 8.78 -19.93 -11.81
C PHE A 179 9.57 -20.82 -10.85
N ASP A 180 10.20 -21.86 -11.39
CA ASP A 180 11.01 -22.79 -10.60
C ASP A 180 12.18 -22.10 -9.89
N TRP A 181 12.71 -21.04 -10.52
CA TRP A 181 13.76 -20.21 -9.92
C TRP A 181 13.25 -19.53 -8.65
N HIS A 182 12.06 -18.94 -8.74
CA HIS A 182 11.45 -18.22 -7.62
C HIS A 182 11.12 -19.14 -6.44
N VAL A 183 10.55 -20.30 -6.75
CA VAL A 183 10.19 -21.30 -5.74
C VAL A 183 11.42 -21.77 -4.98
N ALA A 184 12.54 -21.91 -5.70
CA ALA A 184 13.81 -22.29 -5.10
C ALA A 184 14.39 -21.14 -4.29
N ASN A 185 14.19 -19.91 -4.76
CA ASN A 185 14.66 -18.70 -4.08
C ASN A 185 13.97 -18.48 -2.74
N LEU A 186 12.79 -19.08 -2.57
CA LEU A 186 12.04 -19.01 -1.33
C LEU A 186 12.78 -19.69 -0.17
N ASN A 187 13.50 -20.76 -0.49
CA ASN A 187 14.27 -21.53 0.48
C ASN A 187 15.34 -20.70 1.20
N GLN A 188 15.81 -19.66 0.52
CA GLN A 188 16.82 -18.75 1.06
C GLN A 188 16.27 -17.94 2.24
N TYR A 189 14.96 -17.96 2.41
CA TYR A 189 14.28 -17.11 3.39
C TYR A 189 13.51 -17.89 4.45
N VAL A 190 13.93 -19.13 4.71
CA VAL A 190 13.28 -19.98 5.72
C VAL A 190 13.50 -19.48 7.15
N GLY A 191 14.47 -18.60 7.32
CA GLY A 191 14.82 -18.04 8.63
C GLY A 191 13.92 -16.89 9.08
N LEU A 192 13.01 -16.47 8.21
CA LEU A 192 12.08 -15.39 8.52
C LEU A 192 11.05 -15.83 9.56
N ARG A 193 10.74 -14.93 10.48
CA ARG A 193 9.77 -15.18 11.54
C ARG A 193 8.76 -14.04 11.64
N TYR A 194 7.49 -14.39 11.68
CA TYR A 194 6.43 -13.40 11.81
C TYR A 194 6.32 -12.92 13.26
N ASN A 195 6.63 -13.81 14.20
CA ASN A 195 6.60 -13.51 15.62
C ASN A 195 7.68 -12.52 16.04
N GLN A 196 7.34 -11.65 16.99
CA GLN A 196 8.27 -10.66 17.51
C GLN A 196 9.42 -11.32 18.26
N VAL A 197 10.64 -10.85 17.99
CA VAL A 197 11.81 -11.25 18.75
C VAL A 197 12.16 -10.13 19.73
N PRO A 198 11.75 -10.28 21.01
CA PRO A 198 11.84 -9.21 22.01
C PRO A 198 13.26 -8.86 22.43
N GLU A 199 14.06 -9.86 22.78
CA GLU A 199 15.43 -9.62 23.23
C GLU A 199 16.47 -10.58 22.65
N PHE A 200 17.74 -10.22 22.80
CA PHE A 200 18.86 -11.08 22.42
C PHE A 200 19.99 -10.89 23.44
N LYS A 201 20.45 -12.01 23.99
CA LYS A 201 21.53 -12.00 24.98
C LYS A 201 22.88 -12.07 24.26
N LEU A 202 23.51 -10.91 24.08
CA LEU A 202 24.81 -10.81 23.44
C LEU A 202 25.86 -10.70 24.55
N GLY A 203 26.05 -11.79 25.28
CA GLY A 203 27.00 -11.84 26.39
C GLY A 203 26.62 -10.85 27.49
N ASP A 204 27.56 -9.98 27.83
CA ASP A 204 27.36 -8.97 28.88
C ASP A 204 26.39 -7.87 28.45
N GLN A 205 26.29 -7.66 27.14
CA GLN A 205 25.39 -6.68 26.56
C GLN A 205 24.02 -7.31 26.26
N SER A 206 22.96 -6.64 26.69
CA SER A 206 21.60 -7.05 26.35
C SER A 206 21.08 -6.25 25.17
N LEU A 207 20.50 -6.95 24.21
CA LEU A 207 19.93 -6.30 23.02
C LEU A 207 18.41 -6.45 23.05
N THR A 208 17.72 -5.31 23.11
CA THR A 208 16.26 -5.31 23.16
C THR A 208 15.69 -4.71 21.89
N ALA A 209 14.64 -5.34 21.36
CA ALA A 209 13.93 -4.84 20.19
C ALA A 209 13.31 -3.47 20.46
N LEU A 210 13.54 -2.54 19.54
CA LEU A 210 13.08 -1.17 19.70
C LEU A 210 11.74 -0.91 18.98
N GLY A 211 11.26 -1.93 18.27
CA GLY A 211 9.98 -1.86 17.58
C GLY A 211 9.48 -3.24 17.18
N GLN A 212 8.33 -3.27 16.51
CA GLN A 212 7.75 -4.51 16.02
C GLN A 212 8.33 -4.91 14.67
N GLY A 213 8.24 -6.21 14.36
CA GLY A 213 8.66 -6.73 13.06
C GLY A 213 10.15 -7.04 12.95
N THR A 214 10.77 -7.36 14.08
CA THR A 214 12.20 -7.69 14.12
C THR A 214 12.51 -9.05 13.51
N GLY A 215 11.53 -9.96 13.57
CA GLY A 215 11.70 -11.30 13.05
C GLY A 215 11.73 -11.40 11.54
N LEU A 216 11.42 -10.29 10.86
CA LEU A 216 11.40 -10.25 9.40
C LEU A 216 12.63 -9.57 8.80
N VAL A 217 13.56 -9.14 9.64
CA VAL A 217 14.78 -8.47 9.17
C VAL A 217 15.57 -9.41 8.26
N GLY A 218 15.76 -8.96 7.02
CA GLY A 218 16.32 -9.80 5.97
C GLY A 218 15.45 -9.81 4.73
N LEU A 219 14.20 -9.36 4.90
CA LEU A 219 13.26 -9.23 3.79
C LEU A 219 13.69 -8.08 2.88
N PRO A 220 13.71 -8.33 1.55
CA PRO A 220 14.09 -7.31 0.58
C PRO A 220 12.99 -6.27 0.38
N GLY A 221 13.35 -4.99 0.33
CA GLY A 221 12.38 -3.90 0.22
C GLY A 221 12.19 -3.34 -1.17
N ASP A 222 13.08 -3.70 -2.08
CA ASP A 222 13.07 -3.18 -3.45
C ASP A 222 11.89 -3.73 -4.27
N PHE A 223 11.73 -3.19 -5.48
CA PHE A 223 10.57 -3.49 -6.32
C PHE A 223 10.93 -4.33 -7.55
N THR A 224 12.02 -5.09 -7.45
CA THR A 224 12.39 -6.03 -8.50
C THR A 224 11.43 -7.22 -8.47
N PRO A 225 11.29 -7.93 -9.61
CA PRO A 225 10.42 -9.11 -9.66
C PRO A 225 10.72 -10.15 -8.58
N ALA A 226 11.99 -10.37 -8.27
CA ALA A 226 12.39 -11.37 -7.28
C ALA A 226 11.98 -10.97 -5.86
N SER A 227 12.33 -9.75 -5.47
CA SER A 227 12.02 -9.24 -4.13
C SER A 227 10.52 -9.16 -3.90
N ARG A 228 9.79 -8.71 -4.91
CA ARG A 228 8.33 -8.63 -4.84
C ARG A 228 7.69 -10.01 -4.74
N PHE A 229 8.28 -11.00 -5.40
CA PHE A 229 7.86 -12.39 -5.27
C PHE A 229 8.00 -12.85 -3.82
N ILE A 230 9.14 -12.51 -3.21
CA ILE A 230 9.45 -12.91 -1.84
C ILE A 230 8.47 -12.29 -0.84
N ARG A 231 8.29 -10.97 -0.92
CA ARG A 231 7.41 -10.27 0.02
C ARG A 231 5.97 -10.77 -0.07
N VAL A 232 5.44 -10.83 -1.28
CA VAL A 232 4.04 -11.19 -1.51
C VAL A 232 3.73 -12.65 -1.10
N ALA A 233 4.73 -13.52 -1.22
CA ALA A 233 4.57 -14.93 -0.86
C ALA A 233 4.52 -15.15 0.65
N PHE A 234 5.36 -14.42 1.37
CA PHE A 234 5.42 -14.54 2.83
C PHE A 234 4.33 -13.73 3.54
N LEU A 235 3.94 -12.59 2.97
CA LEU A 235 2.80 -11.84 3.48
C LEU A 235 1.51 -12.64 3.36
N ARG A 236 1.38 -13.36 2.24
CA ARG A 236 0.24 -14.24 2.01
C ARG A 236 0.24 -15.39 3.02
N ASP A 237 1.39 -16.05 3.16
CA ASP A 237 1.54 -17.17 4.08
C ASP A 237 1.17 -16.78 5.51
N ALA A 238 1.70 -15.64 5.97
CA ALA A 238 1.45 -15.13 7.31
C ALA A 238 -0.03 -14.93 7.61
N MET A 239 -0.77 -14.42 6.63
CA MET A 239 -2.19 -14.17 6.77
C MET A 239 -3.00 -15.46 6.87
N ILE A 240 -2.67 -16.46 6.05
CA ILE A 240 -3.33 -17.77 6.07
C ILE A 240 -3.11 -18.44 7.44
N LYS A 241 -1.85 -18.43 7.87
CA LYS A 241 -1.46 -19.10 9.12
C LYS A 241 -2.14 -18.51 10.35
N ASN A 242 -2.10 -17.19 10.48
CA ASN A 242 -2.52 -16.52 11.70
C ASN A 242 -3.93 -15.94 11.66
N ASP A 243 -4.34 -15.40 10.50
CA ASP A 243 -5.61 -14.71 10.39
C ASP A 243 -6.39 -15.18 9.16
N LYS A 244 -6.68 -16.48 9.11
CA LYS A 244 -7.48 -17.07 8.03
C LYS A 244 -8.94 -16.64 8.14
N ASP A 245 -9.43 -16.51 9.37
CA ASP A 245 -10.82 -16.17 9.65
C ASP A 245 -11.15 -14.70 9.36
N SER A 246 -10.11 -13.91 9.06
CA SER A 246 -10.29 -12.48 8.84
C SER A 246 -10.07 -12.06 7.38
N ILE A 247 -9.89 -13.04 6.49
CA ILE A 247 -9.59 -12.74 5.09
C ILE A 247 -10.84 -12.37 4.30
N ASP A 248 -10.96 -11.09 3.98
CA ASP A 248 -12.03 -10.59 3.12
C ASP A 248 -11.42 -9.78 1.97
N LEU A 249 -12.26 -9.12 1.20
CA LEU A 249 -11.86 -8.45 -0.05
C LEU A 249 -10.67 -7.49 0.13
N ILE A 250 -10.71 -6.68 1.18
CA ILE A 250 -9.70 -5.63 1.39
C ILE A 250 -8.30 -6.16 1.69
N GLU A 251 -8.23 -7.36 2.28
CA GLU A 251 -6.95 -8.00 2.61
C GLU A 251 -6.11 -8.26 1.36
N PHE A 252 -6.80 -8.56 0.26
CA PHE A 252 -6.17 -8.77 -1.04
C PHE A 252 -5.34 -7.55 -1.45
N PHE A 253 -5.91 -6.37 -1.21
CA PHE A 253 -5.26 -5.11 -1.58
C PHE A 253 -4.11 -4.73 -0.65
N HIS A 254 -4.25 -5.06 0.64
CA HIS A 254 -3.20 -4.81 1.63
C HIS A 254 -1.89 -5.52 1.29
N ILE A 255 -2.01 -6.77 0.86
CA ILE A 255 -0.86 -7.58 0.46
C ILE A 255 -0.17 -6.98 -0.76
N LEU A 256 -0.96 -6.69 -1.79
CA LEU A 256 -0.43 -6.15 -3.05
C LEU A 256 0.09 -4.72 -2.94
N ASN A 257 -0.50 -3.93 -2.04
CA ASN A 257 -0.03 -2.55 -1.83
C ASN A 257 1.43 -2.51 -1.40
N ASN A 258 1.82 -3.49 -0.59
CA ASN A 258 3.19 -3.62 -0.11
C ASN A 258 4.22 -3.77 -1.23
N VAL A 259 3.81 -4.41 -2.33
CA VAL A 259 4.69 -4.59 -3.49
C VAL A 259 4.36 -3.63 -4.64
N ALA A 260 3.52 -2.64 -4.36
CA ALA A 260 3.14 -1.65 -5.37
C ALA A 260 4.23 -0.60 -5.58
N MET A 261 4.46 -0.26 -6.85
CA MET A 261 5.46 0.76 -7.22
C MET A 261 4.94 2.17 -6.99
N VAL A 262 5.76 3.00 -6.35
CA VAL A 262 5.41 4.38 -6.03
C VAL A 262 6.12 5.35 -6.98
N ARG A 263 5.43 6.44 -7.34
CA ARG A 263 5.94 7.42 -8.30
C ARG A 263 7.27 8.04 -7.87
N GLY A 264 8.26 7.95 -8.76
CA GLY A 264 9.58 8.55 -8.52
C GLY A 264 10.67 7.55 -8.18
N SER A 265 10.32 6.52 -7.41
CA SER A 265 11.31 5.57 -6.89
C SER A 265 11.84 4.57 -7.92
N THR A 266 11.01 4.21 -8.90
CA THR A 266 11.39 3.24 -9.92
C THR A 266 11.44 3.92 -11.30
N ARG A 267 12.63 4.38 -11.66
CA ARG A 267 12.83 5.10 -12.92
C ARG A 267 13.44 4.20 -13.99
N THR A 268 12.83 4.19 -15.17
CA THR A 268 13.33 3.44 -16.32
C THR A 268 14.51 4.17 -16.96
N VAL A 269 15.18 3.50 -17.90
CA VAL A 269 16.32 4.12 -18.61
C VAL A 269 15.86 5.23 -19.55
N GLU A 270 14.56 5.26 -19.85
CA GLU A 270 13.94 6.32 -20.64
C GLU A 270 13.48 7.48 -19.73
N GLU A 271 13.85 7.40 -18.46
CA GLU A 271 13.52 8.41 -17.43
C GLU A 271 12.01 8.60 -17.19
N LYS A 272 11.28 7.48 -17.18
CA LYS A 272 9.86 7.47 -16.86
C LYS A 272 9.65 6.81 -15.51
N SER A 273 8.66 7.27 -14.75
CA SER A 273 8.33 6.65 -13.47
C SER A 273 7.45 5.42 -13.68
N ASP A 274 7.93 4.28 -13.18
CA ASP A 274 7.21 3.01 -13.25
C ASP A 274 6.23 2.90 -12.08
N LEU A 275 4.94 2.79 -12.40
CA LEU A 275 3.89 2.82 -11.38
C LEU A 275 3.06 1.55 -11.37
N THR A 276 2.47 1.25 -10.22
CA THR A 276 1.37 0.28 -10.16
C THR A 276 0.13 1.04 -10.62
N GLN A 277 -0.14 0.96 -11.92
CA GLN A 277 -1.19 1.75 -12.55
C GLN A 277 -2.58 1.36 -12.07
N TYR A 278 -2.82 0.05 -11.95
CA TYR A 278 -4.07 -0.46 -11.38
C TYR A 278 -3.87 -1.78 -10.64
N THR A 279 -4.77 -2.05 -9.69
CA THR A 279 -4.82 -3.31 -8.98
C THR A 279 -6.20 -3.92 -9.11
N SER A 280 -6.28 -5.07 -9.77
CA SER A 280 -7.55 -5.77 -9.95
C SER A 280 -7.67 -6.95 -9.00
N CYS A 281 -8.92 -7.32 -8.70
CA CYS A 281 -9.23 -8.46 -7.86
C CYS A 281 -10.55 -9.07 -8.31
N MET A 282 -10.52 -10.34 -8.69
CA MET A 282 -11.70 -11.00 -9.23
C MET A 282 -12.28 -12.02 -8.26
N CYS A 283 -13.50 -11.76 -7.80
CA CYS A 283 -14.25 -12.74 -7.01
C CYS A 283 -14.83 -13.75 -7.98
N LEU A 284 -14.17 -14.90 -8.06
CA LEU A 284 -14.45 -15.90 -9.10
C LEU A 284 -15.85 -16.50 -9.01
N GLU A 285 -16.31 -16.80 -7.79
CA GLU A 285 -17.64 -17.34 -7.57
C GLU A 285 -18.74 -16.38 -8.01
N LYS A 286 -18.57 -15.10 -7.66
CA LYS A 286 -19.62 -14.10 -7.85
C LYS A 286 -19.55 -13.38 -9.19
N GLY A 287 -18.44 -13.55 -9.91
CA GLY A 287 -18.27 -12.96 -11.24
C GLY A 287 -18.14 -11.45 -11.23
N ILE A 288 -17.52 -10.94 -10.17
CA ILE A 288 -17.31 -9.50 -10.01
C ILE A 288 -15.84 -9.14 -10.23
N TYR A 289 -15.63 -8.13 -11.08
CA TYR A 289 -14.31 -7.57 -11.32
C TYR A 289 -14.14 -6.33 -10.45
N TYR A 290 -13.42 -6.49 -9.35
CA TYR A 290 -13.05 -5.35 -8.52
C TYR A 290 -11.71 -4.81 -9.02
N TYR A 291 -11.55 -3.49 -8.96
CA TYR A 291 -10.27 -2.87 -9.30
C TYR A 291 -10.19 -1.43 -8.79
N ASN A 292 -8.96 -0.97 -8.56
CA ASN A 292 -8.67 0.43 -8.30
C ASN A 292 -7.41 0.85 -9.06
N THR A 293 -7.24 2.16 -9.25
CA THR A 293 -6.11 2.66 -10.03
C THR A 293 -5.15 3.47 -9.16
N TYR A 294 -4.09 3.99 -9.77
CA TYR A 294 -3.11 4.81 -9.05
C TYR A 294 -3.70 6.16 -8.67
N GLU A 295 -4.51 6.73 -9.56
CA GLU A 295 -5.14 8.03 -9.33
C GLU A 295 -6.34 7.92 -8.40
N ASN A 296 -7.10 6.85 -8.56
CA ASN A 296 -8.29 6.59 -7.74
C ASN A 296 -8.21 5.24 -7.02
N ASN A 297 -8.10 5.30 -5.69
CA ASN A 297 -7.87 4.11 -4.87
C ASN A 297 -9.12 3.37 -4.41
N GLN A 298 -10.29 4.00 -4.55
CA GLN A 298 -11.54 3.34 -4.19
C GLN A 298 -11.75 2.14 -5.09
N ILE A 299 -12.15 1.02 -4.48
CA ILE A 299 -12.45 -0.20 -5.21
C ILE A 299 -13.71 0.00 -6.06
N ASN A 300 -13.57 -0.25 -7.36
CA ASN A 300 -14.67 -0.19 -8.30
C ASN A 300 -15.08 -1.60 -8.71
N ALA A 301 -16.39 -1.88 -8.66
CA ALA A 301 -16.90 -3.21 -8.97
C ALA A 301 -17.71 -3.27 -10.25
N ILE A 302 -17.32 -4.17 -11.14
CA ILE A 302 -18.14 -4.51 -12.31
C ILE A 302 -18.64 -5.95 -12.17
N ASP A 303 -19.95 -6.11 -12.11
CA ASP A 303 -20.57 -7.44 -12.03
C ASP A 303 -21.03 -7.89 -13.41
N MET A 304 -20.56 -9.06 -13.82
CA MET A 304 -20.92 -9.60 -15.14
C MET A 304 -22.33 -10.19 -15.15
N ASN A 305 -22.84 -10.55 -13.98
CA ASN A 305 -24.19 -11.09 -13.84
C ASN A 305 -25.28 -10.01 -13.85
N LYS A 306 -24.85 -8.75 -13.80
CA LYS A 306 -25.75 -7.62 -13.98
C LYS A 306 -25.73 -7.12 -15.43
N GLU A 307 -25.21 -7.98 -16.31
CA GLU A 307 -25.22 -7.75 -17.75
C GLU A 307 -25.95 -8.91 -18.42
N ASN A 308 -26.39 -8.70 -19.66
CA ASN A 308 -27.02 -9.78 -20.43
C ASN A 308 -25.97 -10.71 -21.02
N LEU A 309 -25.83 -11.87 -20.40
CA LEU A 309 -24.81 -12.85 -20.79
C LEU A 309 -25.09 -13.48 -22.15
N ASP A 310 -26.33 -13.35 -22.62
CA ASP A 310 -26.73 -13.81 -23.94
C ASP A 310 -26.82 -12.64 -24.94
N GLY A 311 -26.14 -11.55 -24.62
CA GLY A 311 -26.18 -10.32 -25.43
C GLY A 311 -25.51 -10.43 -26.78
N ASN A 312 -25.57 -9.36 -27.55
CA ASN A 312 -25.05 -9.33 -28.92
C ASN A 312 -23.82 -8.43 -29.10
N GLU A 313 -23.53 -7.60 -28.11
CA GLU A 313 -22.45 -6.62 -28.23
C GLU A 313 -21.40 -6.69 -27.13
N ILE A 314 -20.24 -6.09 -27.41
CA ILE A 314 -19.20 -5.90 -26.41
C ILE A 314 -19.54 -4.66 -25.59
N LYS A 315 -19.54 -4.82 -24.26
CA LYS A 315 -19.73 -3.70 -23.36
C LYS A 315 -18.38 -3.30 -22.74
N THR A 316 -18.08 -2.02 -22.77
CA THR A 316 -16.85 -1.49 -22.17
C THR A 316 -17.16 -0.52 -21.03
N TYR A 317 -16.18 -0.35 -20.14
CA TYR A 317 -16.31 0.55 -19.00
C TYR A 317 -15.09 1.45 -18.89
N LYS A 318 -15.34 2.75 -18.72
CA LYS A 318 -14.30 3.76 -18.66
C LYS A 318 -13.36 3.53 -17.48
N TYR A 319 -12.06 3.41 -17.79
CA TYR A 319 -11.00 3.23 -16.79
C TYR A 319 -11.01 4.42 -15.83
N ASN A 320 -11.27 4.14 -14.56
CA ASN A 320 -11.46 5.18 -13.55
C ASN A 320 -10.15 5.74 -12.99
N LYS A 321 -9.78 6.94 -13.41
CA LYS A 321 -8.60 7.63 -12.89
C LYS A 321 -8.94 9.00 -12.29
N THR A 322 -10.07 9.06 -11.59
CA THR A 322 -10.51 10.26 -10.88
C THR A 322 -10.82 9.90 -9.43
N LEU A 323 -10.02 10.45 -8.51
CA LEU A 323 -10.11 10.12 -7.09
C LEU A 323 -11.49 10.41 -6.49
N SER A 324 -12.04 9.41 -5.80
CA SER A 324 -13.37 9.48 -5.20
C SER A 324 -13.26 9.58 -3.67
N ILE A 325 -13.63 10.74 -3.14
CA ILE A 325 -13.58 10.99 -1.71
C ILE A 325 -14.98 11.02 -1.09
N ASN A 326 -15.14 10.38 0.06
CA ASN A 326 -16.37 10.44 0.84
C ASN A 326 -16.33 11.64 1.79
N HIS A 327 -17.23 12.59 1.57
CA HIS A 327 -17.30 13.80 2.40
C HIS A 327 -18.20 13.55 3.62
N VAL A 328 -17.59 13.53 4.80
CA VAL A 328 -18.27 13.12 6.03
C VAL A 328 -19.19 14.22 6.57
N ASN A 329 -18.75 15.47 6.47
CA ASN A 329 -19.56 16.61 6.91
C ASN A 329 -19.72 17.68 5.83
N MET B 1 2.67 1.70 16.50
CA MET B 1 2.80 2.93 15.64
C MET B 1 4.31 3.33 15.44
N ALA B 2 4.72 3.79 14.19
CA ALA B 2 3.86 4.75 13.41
C ALA B 2 4.73 5.12 12.23
N THR B 3 4.22 5.93 11.32
CA THR B 3 5.04 6.64 10.35
C THR B 3 4.44 8.01 10.07
N GLY B 4 5.23 9.06 10.27
CA GLY B 4 4.81 10.43 9.97
C GLY B 4 5.35 10.91 8.64
N LEU B 5 4.54 11.68 7.91
CA LEU B 5 4.92 12.18 6.59
C LEU B 5 4.46 13.62 6.34
N ALA B 6 5.36 14.43 5.79
CA ALA B 6 5.04 15.78 5.35
C ALA B 6 5.39 15.91 3.87
N LEU B 7 4.51 16.59 3.12
CA LEU B 7 4.64 16.64 1.66
C LEU B 7 4.03 17.91 1.08
N GLU B 8 4.65 18.44 0.02
CA GLU B 8 4.15 19.64 -0.66
C GLU B 8 3.64 19.36 -2.08
N THR B 9 2.37 19.65 -2.30
CA THR B 9 1.69 19.37 -3.57
C THR B 9 2.12 20.32 -4.69
N LYS B 10 1.76 19.95 -5.93
CA LYS B 10 2.03 20.77 -7.11
C LYS B 10 1.46 22.18 -7.00
N ASP B 11 0.31 22.30 -6.34
CA ASP B 11 -0.34 23.59 -6.13
C ASP B 11 0.23 24.35 -4.92
N GLY B 12 1.19 23.74 -4.24
CA GLY B 12 1.87 24.36 -3.10
C GLY B 12 1.09 24.27 -1.80
N LEU B 13 0.26 23.22 -1.68
CA LEU B 13 -0.44 22.94 -0.43
C LEU B 13 0.38 21.96 0.39
N HIS B 14 0.29 22.06 1.72
CA HIS B 14 1.10 21.24 2.60
C HIS B 14 0.31 20.14 3.29
N LEU B 15 0.72 18.90 3.02
CA LEU B 15 0.09 17.72 3.60
C LEU B 15 0.92 17.16 4.76
N PHE B 16 0.25 16.90 5.88
CA PHE B 16 0.88 16.31 7.05
C PHE B 16 -0.05 15.30 7.69
N GLY B 17 0.44 14.09 7.87
CA GLY B 17 -0.35 13.01 8.48
C GLY B 17 0.53 11.88 8.98
N ARG B 18 -0.05 10.68 9.09
CA ARG B 18 0.63 9.55 9.69
C ARG B 18 -0.05 8.20 9.48
N ASN B 19 0.73 7.13 9.66
CA ASN B 19 0.21 5.79 9.84
C ASN B 19 0.07 5.52 11.34
N MET B 20 -0.96 4.78 11.71
CA MET B 20 -1.12 4.31 13.08
C MET B 20 -1.01 2.78 13.08
N ASP B 21 0.05 2.27 13.69
CA ASP B 21 0.33 0.84 13.65
C ASP B 21 0.19 0.18 15.02
N ILE B 22 -1.06 -0.07 15.41
CA ILE B 22 -1.35 -0.78 16.67
C ILE B 22 -2.13 -2.07 16.41
N GLU B 23 -2.04 -3.00 17.35
CA GLU B 23 -2.66 -4.32 17.19
C GLU B 23 -4.08 -4.40 17.77
N TYR B 24 -4.69 -3.25 18.04
CA TYR B 24 -6.00 -3.19 18.67
C TYR B 24 -6.79 -1.93 18.30
N SER B 25 -7.91 -1.73 19.01
CA SER B 25 -8.73 -0.53 18.86
C SER B 25 -8.69 0.27 20.16
N PHE B 26 -8.47 1.58 20.06
CA PHE B 26 -8.51 2.44 21.24
C PHE B 26 -9.74 3.35 21.30
N ASN B 27 -10.85 2.84 20.78
CA ASN B 27 -12.16 3.52 20.76
C ASN B 27 -12.07 4.96 20.24
N GLN B 28 -11.42 5.11 19.10
CA GLN B 28 -11.14 6.42 18.54
C GLN B 28 -12.25 6.95 17.63
N SER B 29 -12.34 8.28 17.57
CA SER B 29 -13.22 8.98 16.65
C SER B 29 -12.54 10.29 16.27
N ILE B 30 -13.04 10.95 15.24
CA ILE B 30 -12.50 12.23 14.82
C ILE B 30 -13.12 13.33 15.67
N ILE B 31 -12.28 14.03 16.43
CA ILE B 31 -12.75 15.02 17.38
C ILE B 31 -12.60 16.43 16.82
N PHE B 32 -13.59 17.27 17.08
CA PHE B 32 -13.54 18.68 16.70
C PHE B 32 -13.78 19.57 17.92
N ILE B 33 -12.89 20.52 18.13
CA ILE B 33 -13.04 21.51 19.21
C ILE B 33 -13.05 22.92 18.61
N PRO B 34 -14.11 23.70 18.87
CA PRO B 34 -14.20 25.08 18.42
C PRO B 34 -13.31 26.02 19.21
N ARG B 35 -13.26 27.29 18.79
CA ARG B 35 -12.53 28.33 19.50
C ARG B 35 -13.11 28.56 20.89
N ASN B 36 -12.24 28.90 21.84
CA ASN B 36 -12.63 29.24 23.21
C ASN B 36 -13.45 28.18 23.96
N PHE B 37 -13.21 26.91 23.64
CA PHE B 37 -13.83 25.83 24.37
C PHE B 37 -13.00 25.46 25.59
N LYS B 38 -13.64 25.45 26.76
CA LYS B 38 -12.99 25.11 28.01
C LYS B 38 -13.02 23.60 28.21
N CYS B 39 -11.85 22.98 28.15
CA CYS B 39 -11.72 21.55 28.37
C CYS B 39 -11.30 21.30 29.81
N VAL B 40 -12.18 20.64 30.56
CA VAL B 40 -11.97 20.39 31.98
C VAL B 40 -11.68 18.92 32.24
N ASN B 41 -10.46 18.62 32.66
CA ASN B 41 -10.10 17.28 33.08
C ASN B 41 -10.70 17.00 34.45
N LYS B 42 -11.60 16.03 34.50
CA LYS B 42 -12.34 15.74 35.72
C LYS B 42 -11.52 15.03 36.80
N SER B 43 -10.49 14.31 36.38
CA SER B 43 -9.64 13.56 37.31
C SER B 43 -8.69 14.46 38.12
N ASN B 44 -8.08 15.43 37.46
CA ASN B 44 -7.09 16.31 38.10
C ASN B 44 -7.39 17.81 37.98
N LYS B 45 -8.60 18.13 37.53
CA LYS B 45 -9.16 19.50 37.55
C LYS B 45 -8.41 20.55 36.73
N LYS B 46 -7.54 20.11 35.83
CA LYS B 46 -6.75 21.04 35.00
C LYS B 46 -7.56 21.58 33.82
N GLU B 47 -7.48 22.90 33.64
CA GLU B 47 -8.22 23.60 32.58
C GLU B 47 -7.43 23.70 31.27
N LEU B 48 -8.16 23.85 30.17
CA LEU B 48 -7.57 24.19 28.89
C LEU B 48 -8.64 24.91 28.09
N THR B 49 -8.40 26.18 27.77
CA THR B 49 -9.25 26.94 26.87
C THR B 49 -8.51 27.16 25.54
N THR B 50 -9.10 26.66 24.46
CA THR B 50 -8.47 26.69 23.14
C THR B 50 -8.50 28.09 22.54
N LYS B 51 -7.39 28.50 21.94
CA LYS B 51 -7.31 29.77 21.23
C LYS B 51 -7.76 29.59 19.79
N TYR B 52 -7.41 28.45 19.20
CA TYR B 52 -7.77 28.11 17.82
C TYR B 52 -8.62 26.85 17.75
N ALA B 53 -9.38 26.72 16.67
CA ALA B 53 -10.20 25.53 16.43
C ALA B 53 -9.32 24.32 16.12
N VAL B 54 -9.68 23.15 16.64
CA VAL B 54 -8.87 21.94 16.53
C VAL B 54 -9.65 20.77 15.92
N LEU B 55 -8.99 20.03 15.03
CA LEU B 55 -9.58 18.82 14.43
C LEU B 55 -8.52 17.73 14.27
N GLY B 56 -8.91 16.49 14.55
CA GLY B 56 -8.02 15.35 14.41
C GLY B 56 -8.53 14.07 15.06
N MET B 57 -7.75 13.00 14.93
CA MET B 57 -8.10 11.71 15.51
C MET B 57 -7.71 11.67 16.98
N GLY B 58 -8.56 11.06 17.79
CA GLY B 58 -8.31 10.91 19.22
C GLY B 58 -9.43 10.18 19.92
N THR B 59 -9.46 10.28 21.24
CA THR B 59 -10.48 9.64 22.06
C THR B 59 -10.88 10.53 23.25
N ILE B 60 -12.09 10.31 23.77
CA ILE B 60 -12.59 11.10 24.89
C ILE B 60 -12.85 10.23 26.13
N PHE B 61 -12.15 10.54 27.23
CA PHE B 61 -12.41 9.90 28.51
C PHE B 61 -12.89 10.94 29.51
N ASP B 62 -14.11 10.75 30.00
CA ASP B 62 -14.77 11.69 30.93
C ASP B 62 -14.88 13.12 30.39
N ASP B 63 -15.49 13.25 29.23
CA ASP B 63 -15.74 14.55 28.56
C ASP B 63 -14.47 15.30 28.14
N TYR B 64 -13.31 14.69 28.32
CA TYR B 64 -12.03 15.34 28.00
C TYR B 64 -11.34 14.70 26.79
N PRO B 65 -11.04 15.50 25.75
CA PRO B 65 -10.43 14.98 24.53
C PRO B 65 -8.91 14.81 24.62
N THR B 66 -8.40 13.75 23.99
CA THR B 66 -6.97 13.53 23.84
C THR B 66 -6.66 13.01 22.43
N PHE B 67 -5.64 13.59 21.80
CA PHE B 67 -5.36 13.34 20.39
C PHE B 67 -4.19 12.40 20.13
N ALA B 68 -4.28 11.66 19.03
CA ALA B 68 -3.19 10.84 18.53
C ALA B 68 -2.50 11.57 17.38
N ASP B 69 -3.28 12.34 16.63
CA ASP B 69 -2.79 13.22 15.58
C ASP B 69 -3.89 14.20 15.18
N GLY B 70 -3.50 15.46 14.98
CA GLY B 70 -4.48 16.51 14.65
C GLY B 70 -3.88 17.79 14.10
N MET B 71 -4.75 18.76 13.84
CA MET B 71 -4.36 20.06 13.28
C MET B 71 -5.32 21.16 13.74
N ASN B 72 -4.88 22.41 13.63
CA ASN B 72 -5.73 23.55 13.95
C ASN B 72 -6.17 24.35 12.72
N GLU B 73 -6.94 25.41 12.95
CA GLU B 73 -7.45 26.27 11.87
C GLU B 73 -6.34 27.08 11.21
N LYS B 74 -5.21 27.22 11.89
CA LYS B 74 -4.10 28.03 11.41
C LYS B 74 -3.14 27.26 10.51
N GLY B 75 -3.41 25.97 10.33
CA GLY B 75 -2.59 25.12 9.46
C GLY B 75 -1.42 24.49 10.19
N LEU B 76 -1.46 24.48 11.51
CA LEU B 76 -0.46 23.79 12.30
C LEU B 76 -0.94 22.38 12.60
N GLY B 77 -0.10 21.40 12.28
CA GLY B 77 -0.44 19.99 12.49
C GLY B 77 0.55 19.31 13.42
N CYS B 78 0.03 18.40 14.23
CA CYS B 78 0.85 17.66 15.19
C CYS B 78 0.41 16.20 15.25
N ALA B 79 1.40 15.31 15.34
CA ALA B 79 1.13 13.87 15.43
C ALA B 79 1.92 13.21 16.57
N GLY B 80 1.26 12.30 17.27
CA GLY B 80 1.86 11.57 18.37
C GLY B 80 2.23 10.16 17.97
N LEU B 81 3.53 9.87 18.01
CA LEU B 81 4.05 8.57 17.59
C LEU B 81 4.71 7.86 18.77
N ASN B 82 4.69 6.52 18.74
CA ASN B 82 5.25 5.71 19.83
C ASN B 82 6.76 5.82 19.93
N PHE B 83 7.26 5.76 21.17
CA PHE B 83 8.68 5.96 21.45
C PHE B 83 9.11 5.10 22.64
N PRO B 84 9.18 3.76 22.44
CA PRO B 84 9.37 2.74 23.49
C PRO B 84 10.36 3.11 24.60
N VAL B 85 11.65 3.17 24.27
CA VAL B 85 12.68 3.60 25.23
C VAL B 85 13.24 4.95 24.78
N TYR B 86 14.40 5.33 25.31
CA TYR B 86 15.09 6.59 24.97
C TYR B 86 14.28 7.84 25.37
N VAL B 87 13.14 7.62 26.03
CA VAL B 87 12.29 8.70 26.53
C VAL B 87 12.18 8.63 28.07
N SER B 88 12.38 9.77 28.71
CA SER B 88 12.22 9.88 30.15
C SER B 88 11.31 11.06 30.49
N TYR B 89 10.13 10.76 31.01
CA TYR B 89 9.22 11.76 31.52
C TYR B 89 9.58 12.06 32.97
N SER B 90 9.50 13.34 33.34
CA SER B 90 9.69 13.74 34.73
C SER B 90 8.53 13.22 35.56
N LYS B 91 8.84 12.47 36.60
CA LYS B 91 7.83 11.85 37.47
C LYS B 91 6.94 12.91 38.12
N GLU B 92 7.57 13.88 38.76
CA GLU B 92 6.86 15.05 39.32
C GLU B 92 7.17 16.29 38.48
N ASP B 93 6.53 17.41 38.82
CA ASP B 93 6.70 18.67 38.11
C ASP B 93 8.10 19.26 38.28
N ILE B 94 8.51 20.11 37.34
CA ILE B 94 9.78 20.80 37.43
C ILE B 94 9.57 22.30 37.64
N GLU B 95 10.33 22.88 38.56
CA GLU B 95 10.20 24.28 38.93
C GLU B 95 10.73 25.20 37.83
N GLY B 96 9.91 26.17 37.43
CA GLY B 96 10.30 27.17 36.44
C GLY B 96 9.87 26.86 35.01
N LYS B 97 9.79 25.58 34.69
CA LYS B 97 9.43 25.13 33.34
C LYS B 97 7.92 25.15 33.12
N THR B 98 7.51 24.96 31.87
CA THR B 98 6.10 24.81 31.52
C THR B 98 5.76 23.32 31.55
N ASN B 99 5.15 22.90 32.66
CA ASN B 99 4.83 21.49 32.88
C ASN B 99 3.62 21.02 32.08
N ILE B 100 3.87 20.15 31.10
CA ILE B 100 2.81 19.64 30.23
C ILE B 100 2.69 18.12 30.38
N PRO B 101 1.49 17.63 30.73
CA PRO B 101 1.24 16.18 30.77
C PRO B 101 1.42 15.51 29.41
N VAL B 102 1.70 14.22 29.41
CA VAL B 102 1.96 13.45 28.19
C VAL B 102 0.73 13.42 27.28
N TYR B 103 -0.42 13.07 27.85
CA TYR B 103 -1.67 12.96 27.12
C TYR B 103 -2.11 14.30 26.52
N ASN B 104 -1.65 15.39 27.15
CA ASN B 104 -2.14 16.72 26.84
C ASN B 104 -1.25 17.51 25.89
N PHE B 105 -0.06 16.98 25.61
CA PHE B 105 0.93 17.69 24.80
C PHE B 105 0.43 18.05 23.40
N LEU B 106 -0.24 17.10 22.76
CA LEU B 106 -0.70 17.27 21.39
C LEU B 106 -1.71 18.41 21.27
N LEU B 107 -2.70 18.41 22.16
CA LEU B 107 -3.71 19.47 22.22
C LEU B 107 -3.10 20.81 22.62
N TRP B 108 -2.12 20.76 23.51
CA TRP B 108 -1.40 21.96 23.95
C TRP B 108 -0.76 22.71 22.79
N VAL B 109 -0.16 21.96 21.87
CA VAL B 109 0.47 22.53 20.68
C VAL B 109 -0.56 23.15 19.74
N LEU B 110 -1.64 22.42 19.47
CA LEU B 110 -2.64 22.83 18.50
C LEU B 110 -3.56 23.95 18.99
N ALA B 111 -3.88 23.95 20.27
CA ALA B 111 -4.80 24.93 20.85
C ALA B 111 -4.16 26.30 21.07
N ASN B 112 -2.87 26.32 21.39
CA ASN B 112 -2.21 27.55 21.81
C ASN B 112 -1.34 28.25 20.75
N PHE B 113 -0.93 27.51 19.72
CA PHE B 113 0.02 28.04 18.75
C PHE B 113 -0.42 27.91 17.30
N SER B 114 0.01 28.85 16.47
CA SER B 114 -0.40 28.94 15.08
C SER B 114 0.67 28.43 14.11
N SER B 115 1.93 28.59 14.48
CA SER B 115 3.04 28.21 13.61
C SER B 115 4.09 27.37 14.34
N VAL B 116 4.92 26.69 13.55
CA VAL B 116 6.03 25.90 14.10
C VAL B 116 7.02 26.77 14.87
N GLU B 117 7.35 27.93 14.29
CA GLU B 117 8.26 28.90 14.94
C GLU B 117 7.74 29.37 16.30
N GLU B 118 6.42 29.49 16.41
CA GLU B 118 5.76 29.87 17.65
C GLU B 118 5.88 28.75 18.69
N VAL B 119 5.80 27.50 18.22
CA VAL B 119 5.91 26.31 19.07
C VAL B 119 7.35 26.15 19.59
N LYS B 120 8.32 26.36 18.70
CA LYS B 120 9.74 26.22 19.02
C LYS B 120 10.14 27.10 20.20
N GLU B 121 9.73 28.37 20.16
CA GLU B 121 10.04 29.33 21.21
C GLU B 121 9.42 28.92 22.55
N ALA B 122 8.17 28.49 22.51
CA ALA B 122 7.44 28.07 23.70
C ALA B 122 7.98 26.78 24.31
N LEU B 123 8.64 25.96 23.47
CA LEU B 123 9.19 24.69 23.92
C LEU B 123 10.58 24.79 24.56
N LYS B 124 11.17 25.99 24.53
CA LYS B 124 12.48 26.23 25.13
C LYS B 124 12.47 26.03 26.65
N ASN B 125 11.40 26.51 27.29
CA ASN B 125 11.24 26.36 28.73
C ASN B 125 10.14 25.35 29.11
N ALA B 126 9.98 24.33 28.29
CA ALA B 126 8.91 23.35 28.47
C ALA B 126 9.41 21.98 28.90
N ASN B 127 8.57 21.28 29.66
CA ASN B 127 8.87 19.94 30.14
C ASN B 127 7.62 19.07 30.09
N ILE B 128 7.80 17.78 29.81
CA ILE B 128 6.69 16.83 29.77
C ILE B 128 6.67 16.00 31.06
N VAL B 129 5.57 16.10 31.80
CA VAL B 129 5.41 15.43 33.09
C VAL B 129 4.52 14.19 32.96
N ASP B 130 4.80 13.19 33.79
CA ASP B 130 4.12 11.89 33.74
C ASP B 130 2.85 11.85 34.61
N ILE B 131 1.86 12.65 34.22
CA ILE B 131 0.55 12.66 34.88
C ILE B 131 -0.47 11.98 33.96
N PRO B 132 -1.18 10.96 34.49
CA PRO B 132 -2.16 10.24 33.67
C PRO B 132 -3.45 11.04 33.45
N ILE B 133 -4.14 10.76 32.34
CA ILE B 133 -5.41 11.42 32.00
C ILE B 133 -6.51 11.08 33.00
N SER B 134 -6.43 9.86 33.55
CA SER B 134 -7.33 9.40 34.60
C SER B 134 -6.48 8.67 35.63
N GLU B 135 -7.12 7.84 36.47
CA GLU B 135 -6.40 7.12 37.51
C GLU B 135 -5.77 5.83 36.97
N ASN B 136 -6.55 5.07 36.20
CA ASN B 136 -6.15 3.73 35.77
C ASN B 136 -5.57 3.63 34.35
N ILE B 137 -5.50 4.76 33.65
CA ILE B 137 -4.98 4.78 32.28
C ILE B 137 -3.60 5.46 32.23
N PRO B 138 -2.52 4.66 32.17
CA PRO B 138 -1.16 5.20 32.20
C PRO B 138 -0.75 5.82 30.86
N ASN B 139 0.21 6.73 30.89
CA ASN B 139 0.71 7.39 29.68
C ASN B 139 1.58 6.49 28.82
N THR B 140 1.36 6.54 27.52
CA THR B 140 2.18 5.83 26.55
C THR B 140 3.45 6.64 26.30
N THR B 141 4.56 5.93 26.07
CA THR B 141 5.83 6.56 25.72
C THR B 141 5.76 7.15 24.30
N LEU B 142 5.75 8.47 24.21
CA LEU B 142 5.49 9.18 22.95
C LEU B 142 6.58 10.16 22.52
N HIS B 143 6.66 10.38 21.22
CA HIS B 143 7.44 11.47 20.62
C HIS B 143 6.63 12.08 19.47
N TRP B 144 6.80 13.38 19.24
CA TRP B 144 5.89 14.11 18.35
C TRP B 144 6.56 14.73 17.12
N MET B 145 5.77 14.93 16.08
CA MET B 145 6.18 15.66 14.89
C MET B 145 5.21 16.82 14.67
N ILE B 146 5.74 18.02 14.49
CA ILE B 146 4.92 19.21 14.26
C ILE B 146 5.30 19.87 12.94
N SER B 147 4.29 20.15 12.11
CA SER B 147 4.49 20.79 10.82
C SER B 147 3.47 21.91 10.60
N ASP B 148 3.78 22.83 9.69
CA ASP B 148 2.86 23.93 9.35
C ASP B 148 2.86 24.29 7.86
N ILE B 149 2.23 25.42 7.53
CA ILE B 149 2.01 25.83 6.13
C ILE B 149 3.25 26.42 5.43
N THR B 150 4.36 26.55 6.17
CA THR B 150 5.60 27.06 5.59
C THR B 150 6.36 25.95 4.87
N GLY B 151 6.09 24.71 5.26
CA GLY B 151 6.77 23.54 4.71
C GLY B 151 7.78 22.96 5.68
N LYS B 152 7.96 23.64 6.81
CA LYS B 152 8.91 23.22 7.84
C LYS B 152 8.29 22.28 8.87
N SER B 153 9.09 21.32 9.32
CA SER B 153 8.66 20.34 10.31
C SER B 153 9.71 20.18 11.40
N ILE B 154 9.24 19.86 12.61
CA ILE B 154 10.14 19.61 13.74
C ILE B 154 9.84 18.29 14.44
N VAL B 155 10.86 17.72 15.08
CA VAL B 155 10.69 16.51 15.88
C VAL B 155 10.98 16.84 17.35
N VAL B 156 10.03 16.50 18.22
CA VAL B 156 10.16 16.79 19.64
C VAL B 156 10.28 15.50 20.44
N GLU B 157 11.45 15.30 21.04
CA GLU B 157 11.73 14.11 21.85
C GLU B 157 12.33 14.52 23.19
N GLN B 158 11.75 14.01 24.27
CA GLN B 158 12.28 14.26 25.61
C GLN B 158 13.13 13.09 26.05
N THR B 159 14.42 13.35 26.22
CA THR B 159 15.35 12.37 26.79
C THR B 159 15.62 12.72 28.25
N LYS B 160 16.31 11.81 28.93
CA LYS B 160 16.67 11.96 30.34
C LYS B 160 17.33 13.31 30.65
N GLU B 161 18.20 13.76 29.75
CA GLU B 161 18.92 15.03 29.91
C GLU B 161 18.04 16.25 29.66
N LYS B 162 17.44 16.33 28.48
CA LYS B 162 16.70 17.53 28.05
C LYS B 162 15.61 17.24 27.01
N LEU B 163 14.77 18.24 26.77
CA LEU B 163 13.75 18.17 25.73
C LEU B 163 14.31 18.66 24.40
N ASN B 164 14.56 17.73 23.48
CA ASN B 164 15.13 18.05 22.19
C ASN B 164 14.10 18.48 21.15
N VAL B 165 14.45 19.51 20.39
CA VAL B 165 13.60 20.01 19.31
C VAL B 165 14.40 20.05 18.01
N PHE B 166 14.42 18.91 17.31
CA PHE B 166 15.17 18.77 16.06
C PHE B 166 14.48 19.47 14.90
N ASP B 167 15.27 19.86 13.90
CA ASP B 167 14.74 20.27 12.61
C ASP B 167 14.57 19.00 11.76
N ASN B 168 13.44 18.90 11.07
CA ASN B 168 13.17 17.74 10.23
C ASN B 168 13.29 18.08 8.75
N ASN B 169 14.49 17.90 8.21
CA ASN B 169 14.75 18.13 6.78
C ASN B 169 14.47 16.88 5.93
N ILE B 170 14.12 15.78 6.58
CA ILE B 170 13.78 14.54 5.90
C ILE B 170 12.28 14.48 5.63
N GLY B 171 11.50 15.13 6.49
CA GLY B 171 10.05 15.19 6.35
C GLY B 171 9.32 13.94 6.82
N VAL B 172 10.07 13.02 7.43
CA VAL B 172 9.52 11.75 7.90
C VAL B 172 9.85 11.46 9.36
N LEU B 173 9.17 10.47 9.93
CA LEU B 173 9.37 10.05 11.30
C LEU B 173 8.76 8.67 11.52
N THR B 174 9.40 7.86 12.35
CA THR B 174 8.83 6.57 12.77
C THR B 174 8.86 6.45 14.28
N ASN B 175 9.76 5.60 14.80
CA ASN B 175 9.86 5.34 16.23
C ASN B 175 11.31 5.12 16.64
N SER B 176 11.49 4.55 17.84
CA SER B 176 12.81 4.28 18.42
C SER B 176 13.76 3.59 17.43
N PRO B 177 15.05 3.96 17.44
CA PRO B 177 15.76 4.89 18.32
C PRO B 177 15.46 6.37 18.06
N THR B 178 16.24 7.25 18.69
CA THR B 178 16.06 8.70 18.60
C THR B 178 16.21 9.21 17.17
N PHE B 179 15.67 10.40 16.91
CA PHE B 179 15.69 11.00 15.57
C PHE B 179 17.09 11.11 14.98
N ASP B 180 18.05 11.56 15.78
CA ASP B 180 19.45 11.74 15.34
C ASP B 180 20.11 10.43 14.91
N TRP B 181 19.70 9.32 15.53
CA TRP B 181 20.14 7.98 15.14
C TRP B 181 19.66 7.65 13.71
N HIS B 182 18.39 7.91 13.44
CA HIS B 182 17.78 7.64 12.13
C HIS B 182 18.41 8.45 11.00
N VAL B 183 18.74 9.71 11.28
CA VAL B 183 19.38 10.59 10.29
C VAL B 183 20.75 10.05 9.92
N ALA B 184 21.49 9.57 10.92
CA ALA B 184 22.81 8.98 10.71
C ALA B 184 22.71 7.64 9.96
N ASN B 185 21.63 6.91 10.19
CA ASN B 185 21.41 5.62 9.55
C ASN B 185 21.13 5.73 8.04
N LEU B 186 20.63 6.89 7.62
CA LEU B 186 20.40 7.16 6.20
C LEU B 186 21.70 7.11 5.40
N ASN B 187 22.80 7.54 6.02
CA ASN B 187 24.12 7.55 5.39
C ASN B 187 24.60 6.18 4.92
N GLN B 188 24.04 5.12 5.50
CA GLN B 188 24.34 3.74 5.10
C GLN B 188 23.81 3.41 3.70
N TYR B 189 22.85 4.21 3.23
CA TYR B 189 22.13 3.92 2.00
C TYR B 189 22.35 4.97 0.91
N VAL B 190 23.54 5.57 0.90
CA VAL B 190 23.91 6.57 -0.11
C VAL B 190 24.08 5.95 -1.49
N GLY B 191 24.23 4.63 -1.54
CA GLY B 191 24.43 3.89 -2.79
C GLY B 191 23.16 3.45 -3.48
N LEU B 192 22.00 3.75 -2.89
CA LEU B 192 20.71 3.45 -3.50
C LEU B 192 20.50 4.33 -4.73
N ARG B 193 19.91 3.73 -5.76
CA ARG B 193 19.68 4.44 -7.03
C ARG B 193 18.26 4.25 -7.54
N TYR B 194 17.56 5.36 -7.74
CA TYR B 194 16.19 5.33 -8.26
C TYR B 194 16.17 4.91 -9.73
N ASN B 195 17.24 5.23 -10.45
CA ASN B 195 17.38 4.87 -11.86
C ASN B 195 17.68 3.38 -12.05
N GLN B 196 17.22 2.84 -13.18
CA GLN B 196 17.41 1.43 -13.52
C GLN B 196 18.84 1.15 -13.94
N VAL B 197 19.41 0.09 -13.36
CA VAL B 197 20.69 -0.43 -13.80
C VAL B 197 20.41 -1.61 -14.75
N PRO B 198 20.57 -1.39 -16.07
CA PRO B 198 20.14 -2.36 -17.09
C PRO B 198 21.05 -3.57 -17.21
N GLU B 199 22.35 -3.37 -16.99
CA GLU B 199 23.33 -4.44 -17.15
C GLU B 199 24.59 -4.26 -16.31
N PHE B 200 25.36 -5.34 -16.21
CA PHE B 200 26.64 -5.36 -15.53
C PHE B 200 27.52 -6.40 -16.20
N LYS B 201 28.70 -5.97 -16.66
CA LYS B 201 29.63 -6.87 -17.32
C LYS B 201 30.52 -7.56 -16.28
N LEU B 202 30.20 -8.81 -15.97
CA LEU B 202 30.95 -9.60 -15.01
C LEU B 202 32.04 -10.42 -15.73
N GLY B 203 33.07 -9.71 -16.21
CA GLY B 203 34.13 -10.34 -16.98
C GLY B 203 33.59 -10.97 -18.26
N ASP B 204 33.58 -12.30 -18.29
CA ASP B 204 33.09 -13.04 -19.45
C ASP B 204 31.57 -13.13 -19.49
N GLN B 205 30.94 -13.09 -18.31
CA GLN B 205 29.50 -13.22 -18.18
C GLN B 205 28.77 -11.88 -18.27
N SER B 206 27.79 -11.80 -19.16
CA SER B 206 26.93 -10.63 -19.26
C SER B 206 25.72 -10.79 -18.35
N LEU B 207 25.57 -9.85 -17.42
CA LEU B 207 24.42 -9.83 -16.52
C LEU B 207 23.46 -8.73 -16.92
N THR B 208 22.24 -9.13 -17.26
CA THR B 208 21.19 -8.17 -17.64
C THR B 208 20.10 -8.13 -16.58
N ALA B 209 19.50 -6.96 -16.40
CA ALA B 209 18.44 -6.77 -15.41
C ALA B 209 17.20 -7.59 -15.75
N LEU B 210 16.73 -8.37 -14.77
CA LEU B 210 15.55 -9.22 -14.93
C LEU B 210 14.27 -8.39 -15.01
N GLY B 211 14.22 -7.32 -14.22
CA GLY B 211 13.09 -6.41 -14.21
C GLY B 211 13.49 -5.01 -13.79
N GLN B 212 12.51 -4.25 -13.31
CA GLN B 212 12.75 -2.85 -12.93
C GLN B 212 13.02 -2.68 -11.43
N GLY B 213 13.81 -1.66 -11.10
CA GLY B 213 14.09 -1.30 -9.71
C GLY B 213 15.35 -1.94 -9.16
N THR B 214 16.32 -2.17 -10.03
CA THR B 214 17.57 -2.83 -9.65
C THR B 214 18.49 -1.92 -8.84
N GLY B 215 18.33 -0.61 -9.02
CA GLY B 215 19.13 0.37 -8.29
C GLY B 215 18.83 0.42 -6.80
N LEU B 216 17.59 0.12 -6.42
CA LEU B 216 17.15 0.18 -5.03
C LEU B 216 17.33 -1.14 -4.27
N VAL B 217 18.03 -2.08 -4.88
CA VAL B 217 18.37 -3.35 -4.23
C VAL B 217 19.28 -3.07 -3.04
N GLY B 218 18.93 -3.63 -1.88
CA GLY B 218 19.63 -3.35 -0.64
C GLY B 218 18.71 -2.67 0.35
N LEU B 219 17.59 -2.14 -0.16
CA LEU B 219 16.55 -1.54 0.67
C LEU B 219 15.92 -2.62 1.55
N PRO B 220 15.75 -2.34 2.85
CA PRO B 220 15.10 -3.27 3.78
C PRO B 220 13.60 -3.36 3.51
N GLY B 221 13.03 -4.55 3.67
CA GLY B 221 11.62 -4.78 3.37
C GLY B 221 10.73 -4.97 4.58
N ASP B 222 11.35 -5.14 5.74
CA ASP B 222 10.64 -5.40 6.99
C ASP B 222 9.91 -4.17 7.53
N PHE B 223 9.29 -4.32 8.70
CA PHE B 223 8.41 -3.30 9.25
C PHE B 223 8.91 -2.68 10.56
N THR B 224 10.20 -2.83 10.83
CA THR B 224 10.82 -2.16 11.99
C THR B 224 10.83 -0.64 11.77
N PRO B 225 10.80 0.14 12.87
CA PRO B 225 10.84 1.60 12.76
C PRO B 225 11.96 2.11 11.85
N ALA B 226 13.16 1.54 12.01
CA ALA B 226 14.32 1.94 11.20
C ALA B 226 14.12 1.67 9.71
N SER B 227 13.74 0.43 9.37
CA SER B 227 13.53 0.04 7.98
C SER B 227 12.40 0.83 7.32
N ARG B 228 11.34 1.08 8.09
CA ARG B 228 10.25 1.92 7.61
C ARG B 228 10.71 3.36 7.39
N PHE B 229 11.56 3.85 8.29
CA PHE B 229 12.13 5.20 8.18
C PHE B 229 12.92 5.38 6.89
N ILE B 230 13.76 4.40 6.55
CA ILE B 230 14.60 4.47 5.35
C ILE B 230 13.74 4.47 4.09
N ARG B 231 12.79 3.53 4.01
CA ARG B 231 11.92 3.42 2.84
C ARG B 231 11.12 4.70 2.59
N VAL B 232 10.45 5.19 3.62
CA VAL B 232 9.60 6.38 3.51
C VAL B 232 10.40 7.64 3.18
N ALA B 233 11.64 7.71 3.66
CA ALA B 233 12.54 8.84 3.41
C ALA B 233 12.96 8.91 1.95
N PHE B 234 13.42 7.78 1.40
CA PHE B 234 13.91 7.72 0.03
C PHE B 234 12.80 7.73 -1.02
N LEU B 235 11.69 7.05 -0.73
CA LEU B 235 10.52 7.08 -1.61
C LEU B 235 10.02 8.52 -1.77
N ARG B 236 9.97 9.25 -0.66
CA ARG B 236 9.62 10.66 -0.64
C ARG B 236 10.57 11.46 -1.54
N ASP B 237 11.87 11.40 -1.23
CA ASP B 237 12.92 12.09 -1.98
C ASP B 237 12.81 11.85 -3.48
N ALA B 238 12.60 10.58 -3.85
CA ALA B 238 12.47 10.18 -5.24
C ALA B 238 11.31 10.89 -5.93
N MET B 239 10.20 11.05 -5.22
CA MET B 239 9.02 11.70 -5.75
C MET B 239 9.23 13.21 -5.93
N ILE B 240 10.00 13.81 -5.02
CA ILE B 240 10.33 15.24 -5.12
C ILE B 240 11.34 15.49 -6.25
N LYS B 241 12.34 14.61 -6.34
CA LYS B 241 13.39 14.73 -7.35
C LYS B 241 12.88 14.61 -8.78
N ASN B 242 12.00 13.64 -9.01
CA ASN B 242 11.59 13.26 -10.37
C ASN B 242 10.19 13.72 -10.74
N ASP B 243 9.30 13.79 -9.75
CA ASP B 243 7.90 14.10 -9.99
C ASP B 243 7.40 15.10 -8.96
N LYS B 244 8.05 16.27 -8.93
CA LYS B 244 7.63 17.38 -8.06
C LYS B 244 6.29 17.95 -8.50
N ASP B 245 6.01 17.85 -9.79
CA ASP B 245 4.85 18.49 -10.40
C ASP B 245 3.59 17.62 -10.41
N SER B 246 3.71 16.40 -9.90
CA SER B 246 2.59 15.46 -9.85
C SER B 246 2.11 15.13 -8.43
N ILE B 247 2.74 15.77 -7.43
CA ILE B 247 2.40 15.55 -6.03
C ILE B 247 0.98 16.05 -5.73
N ASP B 248 0.14 15.15 -5.26
CA ASP B 248 -1.21 15.48 -4.81
C ASP B 248 -1.66 14.50 -3.72
N LEU B 249 -2.90 14.64 -3.28
CA LEU B 249 -3.44 13.89 -2.14
C LEU B 249 -3.07 12.39 -2.14
N ILE B 250 -3.31 11.71 -3.26
CA ILE B 250 -3.15 10.25 -3.29
C ILE B 250 -1.69 9.79 -3.26
N GLU B 251 -0.77 10.67 -3.67
CA GLU B 251 0.66 10.37 -3.61
C GLU B 251 1.10 10.14 -2.16
N PHE B 252 0.52 10.92 -1.25
CA PHE B 252 0.74 10.78 0.19
C PHE B 252 0.43 9.37 0.67
N PHE B 253 -0.65 8.79 0.13
CA PHE B 253 -1.10 7.46 0.52
C PHE B 253 -0.23 6.34 -0.06
N HIS B 254 0.19 6.50 -1.31
CA HIS B 254 1.07 5.53 -1.98
C HIS B 254 2.38 5.32 -1.22
N ILE B 255 2.95 6.41 -0.71
CA ILE B 255 4.20 6.38 0.05
C ILE B 255 4.03 5.60 1.35
N LEU B 256 2.96 5.92 2.08
CA LEU B 256 2.70 5.27 3.37
C LEU B 256 2.18 3.84 3.23
N ASN B 257 1.59 3.51 2.09
CA ASN B 257 1.12 2.15 1.80
C ASN B 257 2.27 1.13 1.80
N ASN B 258 3.44 1.59 1.38
CA ASN B 258 4.63 0.76 1.32
C ASN B 258 5.16 0.37 2.70
N VAL B 259 5.02 1.27 3.66
CA VAL B 259 5.44 1.02 5.04
C VAL B 259 4.26 0.63 5.94
N ALA B 260 3.12 0.31 5.31
CA ALA B 260 1.94 -0.12 6.05
C ALA B 260 2.02 -1.60 6.41
N MET B 261 1.66 -1.91 7.66
CA MET B 261 1.68 -3.28 8.16
C MET B 261 0.49 -4.08 7.65
N VAL B 262 0.74 -5.34 7.33
CA VAL B 262 -0.29 -6.23 6.79
C VAL B 262 -0.64 -7.29 7.82
N ARG B 263 -1.91 -7.69 7.85
CA ARG B 263 -2.42 -8.66 8.83
C ARG B 263 -1.70 -10.00 8.75
N GLY B 264 -1.11 -10.41 9.87
CA GLY B 264 -0.48 -11.73 9.99
C GLY B 264 1.03 -11.73 10.03
N SER B 265 1.65 -10.77 9.35
CA SER B 265 3.11 -10.74 9.18
C SER B 265 3.87 -9.99 10.28
N THR B 266 3.15 -9.24 11.11
CA THR B 266 3.74 -8.56 12.25
C THR B 266 3.01 -9.02 13.51
N ARG B 267 3.59 -10.02 14.19
CA ARG B 267 2.95 -10.66 15.33
C ARG B 267 3.61 -10.22 16.63
N THR B 268 2.81 -9.61 17.51
CA THR B 268 3.27 -9.20 18.84
C THR B 268 3.53 -10.44 19.69
N VAL B 269 4.27 -10.27 20.79
CA VAL B 269 4.57 -11.38 21.71
C VAL B 269 3.31 -11.95 22.35
N GLU B 270 2.26 -11.13 22.40
CA GLU B 270 0.94 -11.55 22.87
C GLU B 270 0.10 -12.15 21.72
N GLU B 271 0.82 -12.66 20.71
CA GLU B 271 0.23 -13.34 19.55
C GLU B 271 -0.99 -12.64 18.92
N LYS B 272 -0.85 -11.33 18.72
CA LYS B 272 -1.86 -10.51 18.03
C LYS B 272 -1.23 -9.84 16.81
N SER B 273 -2.04 -9.62 15.77
CA SER B 273 -1.56 -9.04 14.52
C SER B 273 -1.52 -7.51 14.54
N ASP B 274 -0.33 -6.96 14.34
CA ASP B 274 -0.14 -5.52 14.28
C ASP B 274 -0.44 -5.00 12.88
N LEU B 275 -1.36 -4.04 12.80
CA LEU B 275 -1.82 -3.51 11.51
C LEU B 275 -1.72 -1.99 11.46
N THR B 276 -1.65 -1.45 10.25
CA THR B 276 -1.83 -0.02 10.03
C THR B 276 -3.33 0.24 10.10
N GLN B 277 -3.81 0.53 11.31
CA GLN B 277 -5.24 0.70 11.58
C GLN B 277 -5.86 1.80 10.75
N TYR B 278 -5.24 2.97 10.75
CA TYR B 278 -5.67 4.08 9.88
C TYR B 278 -4.50 4.90 9.36
N THR B 279 -4.73 5.54 8.22
CA THR B 279 -3.78 6.46 7.64
C THR B 279 -4.47 7.80 7.46
N SER B 280 -3.97 8.82 8.16
CA SER B 280 -4.55 10.17 8.09
C SER B 280 -3.66 11.12 7.29
N CYS B 281 -4.30 12.11 6.66
CA CYS B 281 -3.62 13.11 5.85
C CYS B 281 -4.31 14.46 6.01
N MET B 282 -3.60 15.41 6.61
CA MET B 282 -4.17 16.72 6.88
C MET B 282 -3.67 17.76 5.88
N CYS B 283 -4.60 18.32 5.10
CA CYS B 283 -4.28 19.44 4.24
C CYS B 283 -4.36 20.71 5.09
N LEU B 284 -3.18 21.21 5.47
CA LEU B 284 -3.07 22.27 6.47
C LEU B 284 -3.73 23.59 6.08
N GLU B 285 -3.49 24.05 4.85
CA GLU B 285 -4.07 25.29 4.34
C GLU B 285 -5.61 25.28 4.33
N LYS B 286 -6.17 24.15 3.90
CA LYS B 286 -7.62 24.04 3.69
C LYS B 286 -8.39 23.49 4.91
N GLY B 287 -7.65 23.03 5.92
CA GLY B 287 -8.24 22.53 7.15
C GLY B 287 -9.09 21.29 6.99
N ILE B 288 -8.82 20.52 5.93
CA ILE B 288 -9.54 19.27 5.67
C ILE B 288 -8.72 18.08 6.18
N TYR B 289 -9.38 17.22 6.96
CA TYR B 289 -8.77 16.03 7.52
C TYR B 289 -9.18 14.82 6.70
N TYR B 290 -8.27 14.33 5.86
CA TYR B 290 -8.50 13.12 5.07
C TYR B 290 -7.98 11.92 5.82
N TYR B 291 -8.68 10.78 5.71
CA TYR B 291 -8.23 9.53 6.31
C TYR B 291 -8.93 8.30 5.74
N ASN B 292 -8.19 7.19 5.68
CA ASN B 292 -8.78 5.88 5.43
C ASN B 292 -8.44 4.92 6.55
N THR B 293 -8.95 3.69 6.48
CA THR B 293 -8.69 2.69 7.51
C THR B 293 -8.27 1.35 6.90
N TYR B 294 -7.91 0.40 7.77
CA TYR B 294 -7.54 -0.94 7.31
C TYR B 294 -8.74 -1.63 6.67
N GLU B 295 -9.92 -1.41 7.25
CA GLU B 295 -11.15 -2.02 6.76
C GLU B 295 -11.71 -1.29 5.53
N ASN B 296 -11.73 0.04 5.60
CA ASN B 296 -12.22 0.87 4.50
C ASN B 296 -11.12 1.77 3.93
N ASN B 297 -10.66 1.44 2.73
CA ASN B 297 -9.53 2.12 2.11
C ASN B 297 -9.89 3.42 1.38
N GLN B 298 -11.18 3.70 1.25
CA GLN B 298 -11.61 4.98 0.66
C GLN B 298 -11.30 6.13 1.60
N ILE B 299 -10.72 7.19 1.04
CA ILE B 299 -10.38 8.39 1.77
C ILE B 299 -11.65 9.14 2.18
N ASN B 300 -11.78 9.38 3.48
CA ASN B 300 -12.91 10.14 4.02
C ASN B 300 -12.46 11.55 4.41
N ALA B 301 -13.23 12.55 3.99
CA ALA B 301 -12.88 13.94 4.24
C ALA B 301 -13.75 14.61 5.30
N ILE B 302 -13.10 15.28 6.23
CA ILE B 302 -13.79 16.05 7.27
C ILE B 302 -13.22 17.47 7.26
N ASP B 303 -13.99 18.39 6.70
CA ASP B 303 -13.60 19.80 6.60
C ASP B 303 -14.04 20.53 7.85
N MET B 304 -13.10 21.17 8.54
CA MET B 304 -13.40 21.91 9.76
C MET B 304 -14.08 23.25 9.48
N ASN B 305 -13.85 23.79 8.29
CA ASN B 305 -14.45 25.05 7.86
C ASN B 305 -15.95 24.95 7.61
N LYS B 306 -16.43 23.73 7.41
CA LYS B 306 -17.87 23.47 7.26
C LYS B 306 -18.61 23.52 8.59
N GLU B 307 -17.84 23.53 9.69
CA GLU B 307 -18.40 23.66 11.03
C GLU B 307 -18.36 25.11 11.51
N ASN B 308 -19.18 25.41 12.52
CA ASN B 308 -19.11 26.70 13.18
C ASN B 308 -17.91 26.74 14.10
N LEU B 309 -16.88 27.48 13.69
CA LEU B 309 -15.63 27.59 14.45
C LEU B 309 -15.82 28.37 15.75
N ASP B 310 -16.94 29.08 15.85
CA ASP B 310 -17.32 29.77 17.08
C ASP B 310 -18.46 29.04 17.79
N GLY B 311 -18.46 27.71 17.69
CA GLY B 311 -19.47 26.88 18.35
C GLY B 311 -19.18 26.67 19.82
N ASN B 312 -20.12 26.03 20.51
CA ASN B 312 -19.98 25.77 21.95
C ASN B 312 -20.06 24.27 22.29
N GLU B 313 -19.88 23.43 21.27
CA GLU B 313 -19.95 21.98 21.43
C GLU B 313 -18.78 21.28 20.75
N ILE B 314 -18.20 20.31 21.47
CA ILE B 314 -17.25 19.38 20.86
C ILE B 314 -18.03 18.43 19.95
N LYS B 315 -17.64 18.39 18.68
CA LYS B 315 -18.32 17.53 17.69
C LYS B 315 -17.45 16.35 17.29
N THR B 316 -18.06 15.17 17.25
CA THR B 316 -17.35 13.94 16.87
C THR B 316 -17.96 13.30 15.62
N TYR B 317 -17.13 12.49 14.94
CA TYR B 317 -17.54 11.76 13.76
C TYR B 317 -17.08 10.31 13.92
N LYS B 318 -17.94 9.35 13.56
CA LYS B 318 -17.64 7.94 13.74
C LYS B 318 -16.46 7.47 12.88
N TYR B 319 -15.62 6.62 13.46
CA TYR B 319 -14.47 6.02 12.79
C TYR B 319 -14.94 4.94 11.81
N ASN B 320 -14.71 5.20 10.52
CA ASN B 320 -15.24 4.36 9.44
C ASN B 320 -14.49 3.03 9.24
N LYS B 321 -15.18 1.93 9.53
CA LYS B 321 -14.60 0.59 9.38
C LYS B 321 -15.40 -0.28 8.40
N THR B 322 -16.17 0.37 7.53
CA THR B 322 -16.99 -0.36 6.56
C THR B 322 -16.59 -0.01 5.14
N LEU B 323 -16.06 -1.02 4.44
CA LEU B 323 -15.55 -0.86 3.09
C LEU B 323 -16.58 -0.21 2.16
N SER B 324 -16.13 0.83 1.46
CA SER B 324 -16.97 1.55 0.52
C SER B 324 -16.62 1.18 -0.92
N ILE B 325 -17.46 0.34 -1.52
CA ILE B 325 -17.29 -0.10 -2.90
C ILE B 325 -18.11 0.78 -3.83
N ASN B 326 -17.53 1.13 -4.98
CA ASN B 326 -18.25 1.81 -6.05
C ASN B 326 -18.76 0.80 -7.08
N HIS B 327 -20.07 0.58 -7.07
CA HIS B 327 -20.69 -0.36 -8.01
C HIS B 327 -20.92 0.33 -9.35
N VAL B 328 -20.09 -0.04 -10.34
CA VAL B 328 -20.08 0.59 -11.66
C VAL B 328 -21.34 0.25 -12.46
N ASN B 329 -21.81 -0.99 -12.35
CA ASN B 329 -22.96 -1.46 -13.08
C ASN B 329 -23.95 -2.24 -12.22
C1 GOL C . 9.11 -4.73 -13.88
O1 GOL C . 9.65 -4.98 -12.60
C2 GOL C . 8.62 -6.03 -14.50
O2 GOL C . 7.32 -5.86 -15.03
C3 GOL C . 9.57 -6.47 -15.61
O3 GOL C . 9.38 -7.85 -15.84
C1 GOL D . -22.51 -11.58 -32.35
O1 GOL D . -22.45 -10.41 -33.12
C2 GOL D . -21.73 -12.67 -33.08
O2 GOL D . -20.36 -12.35 -33.06
C3 GOL D . -22.00 -14.04 -32.46
O3 GOL D . -21.86 -15.05 -33.42
C1 GOL E . 7.42 1.37 18.12
O1 GOL E . 8.84 1.32 18.17
C2 GOL E . 6.88 -0.03 17.82
O2 GOL E . 6.02 -0.40 18.88
C3 GOL E . 6.13 -0.02 16.49
O3 GOL E . 4.87 -0.65 16.64
#